data_7ZRB
#
_entry.id   7ZRB
#
_cell.length_a   49.880
_cell.length_b   160.240
_cell.length_c   79.970
_cell.angle_alpha   90.000
_cell.angle_beta   99.630
_cell.angle_gamma   90.000
#
_symmetry.space_group_name_H-M   'P 1 21 1'
#
loop_
_entity.id
_entity.type
_entity.pdbx_description
1 polymer 'Catenin beta-1'
2 non-polymer 4-bromanyl-~{N}-(3-pyridin-2-ylphenyl)benzenesulfonamide
3 water water
#
_entity_poly.entity_id   1
_entity_poly.type   'polypeptide(L)'
_entity_poly.pdbx_seq_one_letter_code
;ENLYFQSKHAVVNLINYQDDAELATRAIPELTKLLNDEDQVVVNKAAVMVHQLSKKEASRHAIMRSPQMVSAIVRTMQNT
NDVETARCTAGTLHNLSHHREGLLAIFKSGGIPALVKMLGSPVDSVLFYAITTLHNLLLHQEGAKMAVRLAGGLQKMVAL
LNKTNVKFLAITTDCLQILAYGNQESKLIILASGGPQALVNIMRTYTYEKLLWTTSRVLKVLSVCSSNKPAIVEAGGMQA
LGLHLTDPSQRLVQNCLWTLRNLSDAATKQEGMEGLLGTLVQLLGSDDINVVTCAAGILSNLTCNNYKNKMMVCQVGGIE
ALVRTVLRAGDREDITEPAICALRHLTSRHQEAEMAQNAVRLHYGLPVVVKLLHPPSHWPLIKATVGLIRNLALCPANHA
PLREQGAIPRLVQLLVRAHQDTQRRTSMGGTQQQFVEGVRMEEIVEGCTGALHILARDVHNRIVIRGLNTIPLFVQLLYS
PIENIQRVAAGVLCELAQDKEAAEAIEAEGATAPLTELLHSRNEGVATYAAAVLFRMSE
;
_entity_poly.pdbx_strand_id   A,B
#
loop_
_chem_comp.id
_chem_comp.type
_chem_comp.name
_chem_comp.formula
JKI non-polymer 4-bromanyl-~{N}-(3-pyridin-2-ylphenyl)benzenesulfonamide 'C17 H13 Br N2 O2 S'
#
# COMPACT_ATOMS: atom_id res chain seq x y z
N ASP A 20 -69.23 58.89 15.28
CA ASP A 20 -68.29 58.05 14.56
C ASP A 20 -68.03 56.74 15.31
N ALA A 21 -67.07 56.78 16.25
CA ALA A 21 -66.71 55.58 17.00
C ALA A 21 -67.83 55.11 17.92
N GLU A 22 -68.79 55.96 18.23
CA GLU A 22 -69.90 55.59 19.11
C GLU A 22 -70.76 54.48 18.52
N LEU A 23 -70.58 54.13 17.25
CA LEU A 23 -71.31 53.02 16.63
C LEU A 23 -70.83 51.68 17.19
N ALA A 24 -69.60 51.30 16.84
CA ALA A 24 -69.12 49.98 17.22
C ALA A 24 -68.99 49.83 18.72
N THR A 25 -68.78 50.95 19.42
CA THR A 25 -68.65 50.93 20.88
C THR A 25 -69.82 50.23 21.56
N ARG A 26 -70.95 50.08 20.88
CA ARG A 26 -72.04 49.23 21.34
C ARG A 26 -72.32 48.06 20.40
N ALA A 27 -72.00 48.18 19.11
CA ALA A 27 -72.17 47.06 18.19
C ALA A 27 -71.08 46.01 18.36
N ILE A 28 -70.00 46.32 19.06
CA ILE A 28 -68.93 45.35 19.31
C ILE A 28 -69.43 44.07 19.96
N PRO A 29 -70.17 44.10 21.08
CA PRO A 29 -70.63 42.84 21.68
C PRO A 29 -71.54 42.02 20.78
N GLU A 30 -72.16 42.64 19.78
CA GLU A 30 -72.93 41.88 18.81
C GLU A 30 -72.04 40.90 18.04
N LEU A 31 -71.01 41.43 17.39
CA LEU A 31 -70.15 40.59 16.55
C LEU A 31 -69.44 39.51 17.34
N THR A 32 -69.20 39.73 18.64
CA THR A 32 -68.57 38.69 19.48
C THR A 32 -69.41 37.42 19.49
N LYS A 33 -70.71 37.58 19.76
CA LYS A 33 -71.59 36.41 19.91
C LYS A 33 -71.64 35.60 18.61
N LEU A 34 -71.80 36.27 17.48
CA LEU A 34 -71.83 35.58 16.19
C LEU A 34 -70.50 34.90 15.88
N LEU A 35 -69.40 35.36 16.47
CA LEU A 35 -68.14 34.64 16.34
C LEU A 35 -68.16 33.36 17.16
N ASN A 36 -68.82 33.39 18.32
CA ASN A 36 -68.90 32.22 19.19
C ASN A 36 -69.80 31.13 18.62
N ASP A 37 -70.51 31.39 17.53
CA ASP A 37 -71.43 30.42 16.97
C ASP A 37 -70.67 29.23 16.39
N GLU A 38 -71.41 28.18 16.04
CA GLU A 38 -70.82 26.90 15.67
C GLU A 38 -70.55 26.77 14.17
N ASP A 39 -71.48 27.23 13.33
CA ASP A 39 -71.36 27.03 11.89
C ASP A 39 -70.14 27.76 11.35
N GLN A 40 -69.25 27.01 10.71
CA GLN A 40 -67.97 27.56 10.23
C GLN A 40 -68.14 28.41 8.99
N VAL A 41 -69.32 29.03 8.83
CA VAL A 41 -69.57 29.98 7.76
C VAL A 41 -70.17 31.25 8.38
N VAL A 42 -70.98 31.07 9.43
CA VAL A 42 -71.48 32.19 10.21
C VAL A 42 -70.41 32.79 11.11
N VAL A 43 -69.21 32.21 11.12
CA VAL A 43 -68.09 32.79 11.84
C VAL A 43 -67.02 33.35 10.89
N ASN A 44 -66.83 32.74 9.72
CA ASN A 44 -65.86 33.20 8.73
C ASN A 44 -66.20 34.60 8.24
N LYS A 45 -67.19 34.68 7.34
CA LYS A 45 -67.58 35.96 6.76
C LYS A 45 -67.98 36.98 7.82
N ALA A 46 -68.43 36.51 8.99
CA ALA A 46 -68.72 37.43 10.09
C ALA A 46 -67.44 38.11 10.57
N ALA A 47 -66.35 37.35 10.69
CA ALA A 47 -65.08 37.93 11.12
C ALA A 47 -64.52 38.88 10.07
N VAL A 48 -64.86 38.65 8.79
CA VAL A 48 -64.43 39.58 7.74
C VAL A 48 -65.02 40.96 8.00
N MET A 49 -66.23 41.01 8.55
CA MET A 49 -66.83 42.29 8.92
C MET A 49 -65.97 43.02 9.94
N VAL A 50 -65.35 42.29 10.86
CA VAL A 50 -64.46 42.91 11.84
C VAL A 50 -63.24 43.52 11.14
N HIS A 51 -62.69 42.81 10.16
CA HIS A 51 -61.48 43.28 9.48
C HIS A 51 -61.75 44.56 8.70
N GLN A 52 -62.71 44.51 7.77
CA GLN A 52 -63.00 45.68 6.96
C GLN A 52 -63.51 46.86 7.79
N LEU A 53 -63.74 46.65 9.09
CA LEU A 53 -63.96 47.76 10.02
C LEU A 53 -62.67 48.19 10.69
N SER A 54 -61.71 47.27 10.86
CA SER A 54 -60.44 47.62 11.48
C SER A 54 -59.65 48.62 10.65
N LYS A 55 -60.03 48.82 9.39
CA LYS A 55 -59.43 49.79 8.47
C LYS A 55 -59.74 51.23 8.85
N LYS A 56 -60.32 51.45 10.02
CA LYS A 56 -60.79 52.76 10.46
C LYS A 56 -60.06 53.12 11.76
N GLU A 57 -59.13 54.06 11.67
CA GLU A 57 -58.38 54.49 12.85
C GLU A 57 -59.27 55.10 13.92
N ALA A 58 -60.53 55.42 13.58
CA ALA A 58 -61.47 55.92 14.57
C ALA A 58 -62.22 54.81 15.29
N SER A 59 -62.50 53.69 14.60
CA SER A 59 -63.26 52.59 15.18
C SER A 59 -62.43 51.36 15.51
N ARG A 60 -61.28 51.17 14.87
CA ARG A 60 -60.33 50.18 15.36
C ARG A 60 -59.98 50.46 16.81
N HIS A 61 -59.92 51.74 17.17
CA HIS A 61 -59.84 52.16 18.57
C HIS A 61 -60.92 51.48 19.41
N ALA A 62 -62.13 51.36 18.85
CA ALA A 62 -63.23 50.77 19.61
C ALA A 62 -63.07 49.25 19.76
N ILE A 63 -62.66 48.58 18.68
CA ILE A 63 -62.27 47.17 18.80
C ILE A 63 -61.17 47.03 19.84
N MET A 64 -60.25 48.01 19.86
CA MET A 64 -59.12 47.97 20.77
C MET A 64 -59.56 48.22 22.21
N ARG A 65 -60.15 49.39 22.47
CA ARG A 65 -60.48 49.88 23.81
C ARG A 65 -61.19 48.84 24.66
N SER A 66 -61.98 47.98 24.04
CA SER A 66 -62.69 46.92 24.74
C SER A 66 -62.12 45.58 24.32
N PRO A 67 -61.33 44.89 25.16
CA PRO A 67 -60.77 43.60 24.75
C PRO A 67 -61.76 42.45 24.87
N GLN A 68 -63.00 42.68 24.45
CA GLN A 68 -64.02 41.66 24.48
C GLN A 68 -63.71 40.56 23.48
N MET A 69 -63.87 40.84 22.19
CA MET A 69 -63.60 39.82 21.17
C MET A 69 -62.11 39.65 20.89
N VAL A 70 -61.25 40.45 21.50
CA VAL A 70 -59.81 40.32 21.24
C VAL A 70 -59.37 38.89 21.47
N SER A 71 -60.00 38.20 22.43
CA SER A 71 -59.83 36.75 22.53
C SER A 71 -60.57 36.02 21.41
N ALA A 72 -61.81 36.45 21.11
CA ALA A 72 -62.62 35.75 20.13
C ALA A 72 -62.00 35.73 18.74
N ILE A 73 -61.32 36.82 18.36
CA ILE A 73 -60.54 36.80 17.12
C ILE A 73 -59.37 35.84 17.23
N VAL A 74 -58.64 35.93 18.35
CA VAL A 74 -57.53 35.01 18.60
C VAL A 74 -58.01 33.58 18.63
N ARG A 75 -59.12 33.34 19.34
CA ARG A 75 -59.64 31.98 19.49
C ARG A 75 -60.11 31.42 18.15
N THR A 76 -60.84 32.22 17.38
CA THR A 76 -61.33 31.76 16.08
C THR A 76 -60.19 31.46 15.11
N MET A 77 -59.02 32.06 15.31
CA MET A 77 -57.92 31.86 14.37
C MET A 77 -57.40 30.42 14.44
N GLN A 78 -57.08 29.95 15.65
CA GLN A 78 -56.54 28.60 15.83
C GLN A 78 -57.62 27.52 15.84
N ASN A 79 -58.88 27.87 15.56
CA ASN A 79 -59.97 26.91 15.39
C ASN A 79 -60.67 27.20 14.05
N THR A 80 -59.98 26.91 12.94
CA THR A 80 -60.55 27.15 11.63
C THR A 80 -59.83 26.26 10.61
N ASN A 81 -60.52 25.99 9.50
CA ASN A 81 -59.93 25.29 8.37
C ASN A 81 -60.08 26.02 7.04
N ASP A 82 -60.87 27.09 6.98
CA ASP A 82 -61.02 27.86 5.75
C ASP A 82 -59.97 28.97 5.69
N VAL A 83 -59.50 29.24 4.48
CA VAL A 83 -58.38 30.17 4.30
C VAL A 83 -58.82 31.64 4.24
N GLU A 84 -60.05 31.92 3.79
CA GLU A 84 -60.51 33.30 3.82
C GLU A 84 -60.73 33.79 5.24
N THR A 85 -60.85 32.87 6.20
CA THR A 85 -60.87 33.25 7.60
C THR A 85 -59.53 33.88 8.01
N ALA A 86 -58.46 33.08 7.92
CA ALA A 86 -57.15 33.54 8.39
C ALA A 86 -56.65 34.74 7.62
N ARG A 87 -57.07 34.90 6.36
CA ARG A 87 -56.67 36.06 5.58
C ARG A 87 -57.11 37.35 6.25
N CYS A 88 -58.35 37.38 6.75
CA CYS A 88 -58.87 38.54 7.45
C CYS A 88 -58.71 38.45 8.96
N THR A 89 -58.62 37.24 9.51
CA THR A 89 -58.56 37.07 10.96
C THR A 89 -57.30 37.70 11.54
N ALA A 90 -56.14 37.25 11.07
CA ALA A 90 -54.87 37.81 11.56
C ALA A 90 -54.62 39.22 11.03
N GLY A 91 -55.21 39.58 9.89
CA GLY A 91 -55.04 40.93 9.37
C GLY A 91 -55.54 41.98 10.32
N THR A 92 -56.60 41.68 11.07
CA THR A 92 -57.03 42.57 12.15
C THR A 92 -55.91 42.74 13.18
N LEU A 93 -55.29 41.62 13.57
CA LEU A 93 -54.23 41.67 14.56
C LEU A 93 -53.05 42.50 14.06
N HIS A 94 -52.77 42.46 12.77
CA HIS A 94 -51.80 43.38 12.18
C HIS A 94 -52.27 44.82 12.33
N ASN A 95 -53.43 45.15 11.75
CA ASN A 95 -53.93 46.51 11.70
C ASN A 95 -54.19 47.09 13.09
N LEU A 96 -53.99 46.28 14.14
CA LEU A 96 -54.11 46.76 15.51
C LEU A 96 -52.77 46.99 16.19
N SER A 97 -51.67 46.48 15.61
CA SER A 97 -50.36 46.69 16.21
C SER A 97 -49.86 48.13 16.05
N HIS A 98 -50.62 48.98 15.36
CA HIS A 98 -50.17 50.34 15.07
C HIS A 98 -50.13 51.24 16.30
N HIS A 99 -50.67 50.79 17.43
CA HIS A 99 -50.64 51.58 18.66
C HIS A 99 -50.37 50.68 19.84
N ARG A 100 -49.64 51.21 20.83
CA ARG A 100 -49.33 50.45 22.04
C ARG A 100 -50.60 49.99 22.75
N GLU A 101 -51.68 50.76 22.64
CA GLU A 101 -52.94 50.39 23.29
C GLU A 101 -53.38 48.99 22.86
N GLY A 102 -53.26 48.67 21.56
CA GLY A 102 -53.74 47.39 21.09
C GLY A 102 -52.82 46.24 21.42
N LEU A 103 -51.50 46.49 21.40
CA LEU A 103 -50.52 45.45 21.67
C LEU A 103 -50.80 44.72 22.98
N LEU A 104 -51.11 45.48 24.03
CA LEU A 104 -51.37 44.88 25.34
C LEU A 104 -52.51 43.88 25.27
N ALA A 105 -53.56 44.21 24.52
CA ALA A 105 -54.72 43.31 24.42
C ALA A 105 -54.34 42.01 23.75
N ILE A 106 -53.48 42.06 22.72
CA ILE A 106 -53.13 40.86 21.97
C ILE A 106 -52.34 39.89 22.85
N PHE A 107 -51.52 40.41 23.75
CA PHE A 107 -50.78 39.53 24.66
C PHE A 107 -51.70 38.93 25.72
N LYS A 108 -52.55 39.76 26.33
CA LYS A 108 -53.41 39.29 27.40
C LYS A 108 -54.37 38.22 26.91
N SER A 109 -54.84 38.36 25.67
CA SER A 109 -55.81 37.44 25.10
C SER A 109 -55.16 36.14 24.62
N GLY A 110 -53.96 35.83 25.08
CA GLY A 110 -53.29 34.60 24.72
C GLY A 110 -53.08 34.43 23.23
N GLY A 111 -53.02 35.53 22.48
CA GLY A 111 -52.83 35.42 21.04
C GLY A 111 -51.45 34.94 20.66
N ILE A 112 -50.44 35.33 21.42
CA ILE A 112 -49.06 34.96 21.08
C ILE A 112 -48.89 33.46 20.94
N PRO A 113 -49.31 32.61 21.90
CA PRO A 113 -49.21 31.16 21.68
C PRO A 113 -50.28 30.64 20.74
N ALA A 114 -50.62 31.43 19.72
CA ALA A 114 -51.60 31.06 18.72
C ALA A 114 -51.28 31.74 17.40
N LEU A 115 -50.86 33.01 17.47
CA LEU A 115 -50.31 33.68 16.30
C LEU A 115 -49.16 32.88 15.70
N VAL A 116 -48.40 32.18 16.55
CA VAL A 116 -47.30 31.35 16.06
C VAL A 116 -47.82 30.11 15.33
N LYS A 117 -49.02 29.64 15.70
CA LYS A 117 -49.60 28.51 14.98
C LYS A 117 -49.85 28.86 13.52
N MET A 118 -50.17 30.12 13.23
CA MET A 118 -50.34 30.56 11.85
C MET A 118 -49.04 30.51 11.07
N LEU A 119 -47.90 30.46 11.75
CA LEU A 119 -46.63 30.26 11.05
C LEU A 119 -46.52 28.85 10.46
N GLY A 120 -47.42 27.95 10.83
CA GLY A 120 -47.49 26.64 10.22
C GLY A 120 -48.50 26.60 9.09
N SER A 121 -48.37 27.53 8.15
CA SER A 121 -49.22 27.61 6.97
C SER A 121 -48.35 27.91 5.75
N PRO A 122 -48.79 27.52 4.56
CA PRO A 122 -48.04 27.88 3.34
C PRO A 122 -48.50 29.19 2.73
N VAL A 123 -49.76 29.56 2.98
CA VAL A 123 -50.35 30.77 2.43
C VAL A 123 -49.63 31.99 2.98
N ASP A 124 -48.75 32.58 2.17
CA ASP A 124 -47.95 33.72 2.63
C ASP A 124 -48.82 34.91 3.02
N SER A 125 -50.03 35.01 2.45
CA SER A 125 -50.94 36.07 2.85
C SER A 125 -51.27 35.99 4.34
N VAL A 126 -51.29 34.77 4.89
CA VAL A 126 -51.44 34.61 6.33
C VAL A 126 -50.11 34.87 7.04
N LEU A 127 -49.01 34.36 6.48
CA LEU A 127 -47.73 34.40 7.17
C LEU A 127 -47.23 35.83 7.35
N PHE A 128 -47.34 36.65 6.31
CA PHE A 128 -46.90 38.04 6.41
C PHE A 128 -47.67 38.77 7.49
N TYR A 129 -49.00 38.68 7.45
CA TYR A 129 -49.83 39.31 8.48
C TYR A 129 -49.48 38.78 9.87
N ALA A 130 -49.04 37.53 9.97
CA ALA A 130 -48.70 36.96 11.27
C ALA A 130 -47.35 37.47 11.76
N ILE A 131 -46.31 37.34 10.94
CA ILE A 131 -44.98 37.71 11.39
C ILE A 131 -44.83 39.22 11.52
N THR A 132 -45.73 40.00 10.93
CA THR A 132 -45.71 41.44 11.16
C THR A 132 -46.11 41.76 12.60
N THR A 133 -47.14 41.09 13.10
CA THR A 133 -47.54 41.27 14.49
C THR A 133 -46.42 40.85 15.44
N LEU A 134 -45.87 39.65 15.23
CA LEU A 134 -44.82 39.15 16.11
C LEU A 134 -43.61 40.07 16.13
N HIS A 135 -43.33 40.73 14.99
CA HIS A 135 -42.26 41.72 14.98
C HIS A 135 -42.62 42.95 15.81
N ASN A 136 -43.85 43.45 15.64
CA ASN A 136 -44.26 44.66 16.35
C ASN A 136 -44.30 44.42 17.86
N LEU A 137 -44.71 43.23 18.28
CA LEU A 137 -44.78 42.94 19.72
C LEU A 137 -43.40 42.97 20.35
N LEU A 138 -42.43 42.30 19.73
CA LEU A 138 -41.09 42.21 20.32
C LEU A 138 -40.44 43.58 20.43
N LEU A 139 -40.50 44.39 19.38
CA LEU A 139 -39.81 45.67 19.38
C LEU A 139 -40.76 46.74 19.94
N HIS A 140 -41.67 46.33 20.82
CA HIS A 140 -42.56 47.28 21.48
C HIS A 140 -43.09 46.70 22.78
N GLN A 141 -43.93 45.67 22.69
CA GLN A 141 -44.59 45.08 23.84
C GLN A 141 -43.58 44.47 24.81
N GLU A 142 -43.48 45.05 26.01
CA GLU A 142 -42.67 44.48 27.06
C GLU A 142 -43.22 43.12 27.48
N GLY A 143 -42.35 42.29 28.04
CA GLY A 143 -42.77 41.00 28.55
C GLY A 143 -43.33 40.06 27.51
N ALA A 144 -43.00 40.28 26.23
CA ALA A 144 -43.43 39.39 25.16
C ALA A 144 -42.29 38.50 24.66
N LYS A 145 -41.06 38.75 25.11
CA LYS A 145 -39.95 37.88 24.72
C LYS A 145 -40.16 36.46 25.24
N MET A 146 -40.40 36.33 26.54
CA MET A 146 -40.65 35.02 27.14
C MET A 146 -41.82 34.29 26.49
N ALA A 147 -42.69 35.01 25.79
CA ALA A 147 -43.88 34.42 25.18
C ALA A 147 -43.51 33.53 23.98
N VAL A 148 -43.16 34.14 22.85
CA VAL A 148 -42.87 33.36 21.64
C VAL A 148 -41.69 32.42 21.85
N ARG A 149 -40.80 32.74 22.79
CA ARG A 149 -39.75 31.80 23.17
C ARG A 149 -40.34 30.46 23.58
N LEU A 150 -41.52 30.47 24.18
CA LEU A 150 -42.16 29.28 24.71
C LEU A 150 -43.23 28.71 23.80
N ALA A 151 -43.80 29.52 22.91
CA ALA A 151 -44.76 29.02 21.93
C ALA A 151 -44.12 28.21 20.82
N GLY A 152 -42.89 27.74 21.01
CA GLY A 152 -42.15 27.06 19.97
C GLY A 152 -41.81 27.88 18.74
N GLY A 153 -41.98 29.21 18.76
CA GLY A 153 -41.77 29.98 17.54
C GLY A 153 -40.33 30.03 17.10
N LEU A 154 -39.40 29.79 18.03
CA LEU A 154 -37.99 29.78 17.66
C LEU A 154 -37.69 28.70 16.63
N GLN A 155 -38.43 27.59 16.66
CA GLN A 155 -38.29 26.59 15.60
C GLN A 155 -38.88 27.09 14.29
N LYS A 156 -40.16 27.48 14.33
CA LYS A 156 -40.86 27.86 13.09
C LYS A 156 -40.18 29.02 12.40
N MET A 157 -39.78 30.04 13.16
CA MET A 157 -39.16 31.22 12.55
C MET A 157 -37.92 30.82 11.74
N VAL A 158 -37.14 29.86 12.23
CA VAL A 158 -36.03 29.34 11.44
C VAL A 158 -36.56 28.60 10.22
N ALA A 159 -37.43 27.60 10.45
CA ALA A 159 -37.97 26.80 9.36
C ALA A 159 -38.75 27.65 8.35
N LEU A 160 -39.23 28.82 8.76
CA LEU A 160 -39.87 29.75 7.82
C LEU A 160 -38.88 30.39 6.86
N LEU A 161 -37.58 30.10 6.98
CA LEU A 161 -36.59 30.65 6.07
C LEU A 161 -36.44 29.81 4.80
N ASN A 162 -37.57 29.34 4.27
CA ASN A 162 -37.62 28.74 2.95
C ASN A 162 -38.17 29.69 1.89
N LYS A 163 -38.96 30.68 2.30
CA LYS A 163 -39.70 31.51 1.37
C LYS A 163 -38.75 32.41 0.59
N THR A 164 -39.32 33.17 -0.35
CA THR A 164 -38.55 33.90 -1.34
C THR A 164 -38.80 35.40 -1.34
N ASN A 165 -39.84 35.89 -0.64
CA ASN A 165 -40.22 37.29 -0.70
C ASN A 165 -39.33 38.11 0.23
N VAL A 166 -38.11 38.37 -0.27
CA VAL A 166 -37.07 39.22 0.33
C VAL A 166 -37.46 39.91 1.63
N LYS A 167 -38.55 40.68 1.62
CA LYS A 167 -38.98 41.39 2.81
C LYS A 167 -39.47 40.44 3.90
N PHE A 168 -40.03 39.30 3.51
CA PHE A 168 -40.40 38.27 4.48
C PHE A 168 -39.19 37.81 5.28
N LEU A 169 -38.18 37.28 4.58
CA LEU A 169 -36.97 36.83 5.26
C LEU A 169 -36.23 37.98 5.93
N ALA A 170 -36.50 39.22 5.52
CA ALA A 170 -35.91 40.39 6.17
C ALA A 170 -36.57 40.73 7.48
N ILE A 171 -37.78 40.22 7.73
CA ILE A 171 -38.44 40.37 9.02
C ILE A 171 -38.23 39.16 9.91
N THR A 172 -38.30 37.96 9.33
CA THR A 172 -38.11 36.73 10.11
C THR A 172 -36.74 36.68 10.74
N THR A 173 -35.72 37.20 10.05
CA THR A 173 -34.38 37.24 10.63
C THR A 173 -34.30 38.26 11.78
N ASP A 174 -35.01 39.38 11.65
CA ASP A 174 -34.96 40.37 12.72
C ASP A 174 -35.69 39.87 13.97
N CYS A 175 -36.85 39.25 13.78
CA CYS A 175 -37.55 38.64 14.91
C CYS A 175 -36.72 37.54 15.56
N LEU A 176 -35.69 37.06 14.90
CA LEU A 176 -34.75 36.11 15.50
C LEU A 176 -33.60 36.82 16.22
N GLN A 177 -33.41 38.12 15.96
CA GLN A 177 -32.38 38.87 16.66
C GLN A 177 -32.76 39.14 18.12
N ILE A 178 -33.95 39.69 18.34
CA ILE A 178 -34.40 39.95 19.71
C ILE A 178 -34.51 38.66 20.50
N LEU A 179 -35.06 37.61 19.88
CA LEU A 179 -35.15 36.29 20.48
C LEU A 179 -33.79 35.59 20.58
N ALA A 180 -32.68 36.33 20.44
CA ALA A 180 -31.34 35.79 20.57
C ALA A 180 -30.53 36.61 21.58
N TYR A 181 -30.50 37.93 21.40
CA TYR A 181 -29.80 38.78 22.35
C TYR A 181 -30.51 38.76 23.69
N GLY A 182 -30.10 37.85 24.56
CA GLY A 182 -30.73 37.71 25.86
C GLY A 182 -30.37 36.40 26.53
N ASN A 183 -31.04 35.32 26.14
CA ASN A 183 -30.84 34.01 26.74
C ASN A 183 -29.87 33.20 25.90
N GLN A 184 -28.88 32.59 26.55
CA GLN A 184 -27.98 31.66 25.89
C GLN A 184 -28.71 30.41 25.41
N GLU A 185 -29.92 30.18 25.90
CA GLU A 185 -30.68 28.96 25.59
C GLU A 185 -31.58 29.12 24.37
N SER A 186 -32.03 30.34 24.08
CA SER A 186 -32.86 30.57 22.91
C SER A 186 -32.07 30.39 21.61
N LYS A 187 -30.74 30.49 21.67
CA LYS A 187 -29.95 30.35 20.46
C LYS A 187 -29.90 28.91 19.99
N LEU A 188 -29.78 27.96 20.91
CA LEU A 188 -29.52 26.57 20.54
C LEU A 188 -30.66 25.99 19.71
N ILE A 189 -31.88 26.52 19.86
CA ILE A 189 -32.96 26.15 18.94
C ILE A 189 -32.56 26.51 17.51
N ILE A 190 -32.04 27.72 17.32
CA ILE A 190 -31.50 28.10 16.02
C ILE A 190 -30.32 27.22 15.65
N LEU A 191 -29.52 26.81 16.65
CA LEU A 191 -28.44 25.87 16.41
C LEU A 191 -28.91 24.44 16.20
N ALA A 192 -30.19 24.15 16.39
CA ALA A 192 -30.67 22.78 16.35
C ALA A 192 -31.40 22.42 15.05
N SER A 193 -32.06 23.38 14.39
CA SER A 193 -32.94 23.09 13.25
C SER A 193 -32.48 23.92 12.06
N GLY A 194 -31.62 23.36 11.23
CA GLY A 194 -31.07 24.09 10.10
C GLY A 194 -30.24 25.27 10.55
N GLY A 195 -30.90 26.37 10.89
CA GLY A 195 -30.27 27.51 11.52
C GLY A 195 -29.15 28.14 10.73
N PRO A 196 -27.92 28.01 11.23
CA PRO A 196 -26.79 28.68 10.57
C PRO A 196 -26.58 28.25 9.13
N GLN A 197 -26.65 26.94 8.85
CA GLN A 197 -26.47 26.49 7.47
C GLN A 197 -27.58 27.00 6.56
N ALA A 198 -28.80 27.17 7.10
CA ALA A 198 -29.84 27.85 6.36
C ALA A 198 -29.76 29.36 6.49
N LEU A 199 -29.03 29.85 7.49
CA LEU A 199 -28.87 31.30 7.67
C LEU A 199 -27.92 31.86 6.62
N VAL A 200 -26.67 31.40 6.62
CA VAL A 200 -25.68 31.91 5.67
C VAL A 200 -26.13 31.73 4.23
N ASN A 201 -27.09 30.83 3.98
CA ASN A 201 -27.70 30.74 2.65
C ASN A 201 -28.34 32.06 2.26
N ILE A 202 -28.94 32.76 3.22
CA ILE A 202 -29.49 34.09 2.96
C ILE A 202 -28.40 35.13 2.74
N MET A 203 -27.15 34.81 3.08
CA MET A 203 -26.06 35.75 2.90
C MET A 203 -25.29 35.55 1.60
N ARG A 204 -25.39 34.40 0.97
CA ARG A 204 -24.64 34.13 -0.26
C ARG A 204 -25.58 33.79 -1.43
N THR A 205 -26.76 34.42 -1.45
CA THR A 205 -27.73 34.21 -2.53
C THR A 205 -28.59 35.43 -2.81
N TYR A 206 -28.63 36.41 -1.91
CA TYR A 206 -29.57 37.51 -2.00
C TYR A 206 -28.86 38.85 -2.17
N THR A 207 -29.36 39.65 -3.11
CA THR A 207 -28.77 40.96 -3.39
C THR A 207 -29.31 42.04 -2.45
N TYR A 208 -30.57 41.92 -2.04
CA TYR A 208 -31.21 42.89 -1.15
C TYR A 208 -30.31 43.26 0.01
N GLU A 209 -30.20 44.56 0.29
CA GLU A 209 -29.23 45.05 1.26
C GLU A 209 -29.75 44.93 2.69
N LYS A 210 -30.97 45.39 2.95
CA LYS A 210 -31.48 45.43 4.31
C LYS A 210 -31.53 44.04 4.93
N LEU A 211 -31.85 43.03 4.13
CA LEU A 211 -31.92 41.66 4.65
C LEU A 211 -30.55 41.16 5.09
N LEU A 212 -29.49 41.54 4.35
CA LEU A 212 -28.14 41.16 4.75
C LEU A 212 -27.78 41.74 6.11
N TRP A 213 -28.10 43.02 6.33
CA TRP A 213 -27.82 43.63 7.63
C TRP A 213 -28.62 42.98 8.74
N THR A 214 -29.91 42.73 8.48
CA THR A 214 -30.75 42.07 9.47
C THR A 214 -30.24 40.67 9.79
N THR A 215 -29.87 39.90 8.76
CA THR A 215 -29.31 38.58 8.98
C THR A 215 -27.96 38.63 9.68
N SER A 216 -27.18 39.69 9.42
CA SER A 216 -25.85 39.79 10.02
C SER A 216 -25.92 39.92 11.53
N ARG A 217 -26.83 40.78 12.02
CA ARG A 217 -26.96 40.92 13.47
C ARG A 217 -27.34 39.61 14.13
N VAL A 218 -28.13 38.78 13.45
CA VAL A 218 -28.39 37.43 13.95
C VAL A 218 -27.09 36.66 14.08
N LEU A 219 -26.35 36.53 12.96
CA LEU A 219 -25.11 35.78 12.98
C LEU A 219 -24.09 36.42 13.92
N LYS A 220 -24.15 37.74 14.08
CA LYS A 220 -23.27 38.42 15.03
C LYS A 220 -23.59 38.02 16.46
N VAL A 221 -24.88 38.01 16.81
CA VAL A 221 -25.28 37.64 18.17
C VAL A 221 -24.95 36.18 18.46
N LEU A 222 -25.22 35.29 17.50
CA LEU A 222 -24.92 33.87 17.68
C LEU A 222 -23.44 33.60 17.94
N SER A 223 -22.56 34.55 17.64
CA SER A 223 -21.12 34.34 17.71
C SER A 223 -20.49 34.96 18.95
N VAL A 224 -21.21 35.01 20.06
CA VAL A 224 -20.65 35.60 21.28
C VAL A 224 -20.64 34.54 22.38
N CYS A 225 -20.44 33.29 22.01
CA CYS A 225 -20.19 32.23 22.99
C CYS A 225 -19.48 31.09 22.27
N SER A 226 -18.33 30.66 22.83
CA SER A 226 -17.55 29.61 22.21
C SER A 226 -18.29 28.27 22.17
N SER A 227 -19.45 28.17 22.81
CA SER A 227 -20.21 26.93 22.79
C SER A 227 -20.72 26.60 21.39
N ASN A 228 -21.09 27.63 20.62
CA ASN A 228 -21.68 27.42 19.31
C ASN A 228 -20.90 28.05 18.16
N LYS A 229 -19.85 28.83 18.43
CA LYS A 229 -19.04 29.41 17.36
C LYS A 229 -18.62 28.39 16.31
N PRO A 230 -18.07 27.21 16.67
CA PRO A 230 -17.76 26.21 15.64
C PRO A 230 -19.01 25.51 15.12
N ALA A 231 -19.88 26.28 14.47
CA ALA A 231 -21.06 25.72 13.81
C ALA A 231 -21.31 26.48 12.52
N ILE A 232 -21.27 27.82 12.60
CA ILE A 232 -21.37 28.63 11.39
C ILE A 232 -20.15 28.43 10.51
N VAL A 233 -18.99 28.19 11.12
CA VAL A 233 -17.75 28.04 10.34
C VAL A 233 -17.80 26.78 9.50
N GLU A 234 -18.20 25.65 10.11
CA GLU A 234 -18.39 24.43 9.34
C GLU A 234 -19.53 24.60 8.33
N ALA A 235 -20.49 25.47 8.64
CA ALA A 235 -21.55 25.80 7.70
C ALA A 235 -21.11 26.80 6.63
N GLY A 236 -19.83 27.16 6.60
CA GLY A 236 -19.35 28.12 5.62
C GLY A 236 -19.61 29.56 5.97
N GLY A 237 -19.80 29.88 7.25
CA GLY A 237 -20.12 31.24 7.63
C GLY A 237 -19.01 32.23 7.33
N MET A 238 -17.75 31.79 7.46
CA MET A 238 -16.63 32.67 7.12
C MET A 238 -16.62 33.01 5.64
N GLN A 239 -16.89 32.01 4.79
CA GLN A 239 -16.88 32.22 3.34
C GLN A 239 -17.96 33.23 2.94
N ALA A 240 -19.22 32.93 3.28
CA ALA A 240 -20.32 33.80 2.90
C ALA A 240 -20.14 35.21 3.45
N LEU A 241 -19.73 35.30 4.72
CA LEU A 241 -19.48 36.61 5.32
C LEU A 241 -18.34 37.35 4.63
N GLY A 242 -17.46 36.63 3.93
CA GLY A 242 -16.41 37.28 3.16
C GLY A 242 -16.90 37.92 1.88
N LEU A 243 -18.05 37.50 1.38
CA LEU A 243 -18.57 38.05 0.13
C LEU A 243 -18.90 39.53 0.26
N HIS A 244 -19.54 39.91 1.36
CA HIS A 244 -20.13 41.24 1.50
C HIS A 244 -19.22 42.22 2.25
N LEU A 245 -17.96 41.86 2.48
CA LEU A 245 -17.06 42.77 3.16
C LEU A 245 -16.85 44.06 2.36
N THR A 246 -16.97 43.98 1.04
CA THR A 246 -16.83 45.16 0.18
C THR A 246 -18.14 45.88 -0.08
N ASP A 247 -19.26 45.33 0.38
CA ASP A 247 -20.56 45.84 0.00
C ASP A 247 -20.66 47.33 0.34
N PRO A 248 -21.20 48.15 -0.56
CA PRO A 248 -21.21 49.61 -0.33
C PRO A 248 -21.95 50.04 0.93
N SER A 249 -22.83 49.19 1.48
CA SER A 249 -23.52 49.53 2.71
C SER A 249 -22.56 49.43 3.90
N GLN A 250 -21.94 50.56 4.26
CA GLN A 250 -21.01 50.56 5.39
C GLN A 250 -21.71 50.24 6.70
N ARG A 251 -22.98 50.63 6.83
CA ARG A 251 -23.76 50.27 8.01
C ARG A 251 -23.92 48.77 8.18
N LEU A 252 -23.56 47.98 7.16
CA LEU A 252 -23.60 46.53 7.24
C LEU A 252 -22.23 45.92 7.58
N VAL A 253 -21.19 46.30 6.83
CA VAL A 253 -19.89 45.66 6.95
C VAL A 253 -19.38 45.68 8.39
N GLN A 254 -19.72 46.73 9.15
CA GLN A 254 -19.36 46.79 10.56
C GLN A 254 -20.03 45.69 11.38
N ASN A 255 -21.06 45.03 10.84
CA ASN A 255 -21.61 43.83 11.45
C ASN A 255 -20.96 42.57 10.91
N CYS A 256 -20.62 42.56 9.61
CA CYS A 256 -19.93 41.43 9.00
C CYS A 256 -18.50 41.26 9.49
N LEU A 257 -17.97 42.25 10.21
CA LEU A 257 -16.60 42.22 10.73
C LEU A 257 -16.54 41.75 12.18
N TRP A 258 -17.31 42.39 13.06
CA TRP A 258 -17.34 41.97 14.47
C TRP A 258 -17.67 40.50 14.59
N THR A 259 -18.52 39.98 13.69
CA THR A 259 -18.80 38.56 13.66
C THR A 259 -17.56 37.76 13.35
N LEU A 260 -16.83 38.15 12.29
CA LEU A 260 -15.64 37.40 11.88
C LEU A 260 -14.53 37.51 12.91
N ARG A 261 -14.52 38.56 13.73
CA ARG A 261 -13.52 38.65 14.79
C ARG A 261 -13.77 37.60 15.86
N ASN A 262 -15.03 37.44 16.28
CA ASN A 262 -15.34 36.41 17.26
C ASN A 262 -15.14 35.01 16.70
N LEU A 263 -15.53 34.81 15.44
CA LEU A 263 -15.47 33.48 14.84
C LEU A 263 -14.06 32.98 14.62
N SER A 264 -13.06 33.86 14.64
CA SER A 264 -11.71 33.51 14.21
C SER A 264 -11.07 32.43 15.06
N ASP A 265 -11.65 32.06 16.20
CA ASP A 265 -11.14 30.96 17.00
C ASP A 265 -11.53 29.59 16.45
N ALA A 266 -12.32 29.54 15.38
CA ALA A 266 -12.81 28.28 14.82
C ALA A 266 -12.27 27.97 13.44
N ALA A 267 -12.08 28.97 12.58
CA ALA A 267 -11.58 28.76 11.23
C ALA A 267 -10.07 28.58 11.18
N THR A 268 -9.38 28.64 12.34
CA THR A 268 -7.95 28.39 12.37
C THR A 268 -7.61 27.05 11.73
N LYS A 269 -8.45 26.04 11.97
CA LYS A 269 -8.24 24.73 11.37
C LYS A 269 -9.28 24.47 10.28
N GLN A 270 -9.43 25.42 9.36
CA GLN A 270 -10.40 25.32 8.28
C GLN A 270 -9.76 25.75 6.98
N GLU A 271 -10.11 25.05 5.89
CA GLU A 271 -9.54 25.29 4.58
C GLU A 271 -10.63 25.81 3.63
N GLY A 272 -10.18 26.25 2.45
CA GLY A 272 -11.08 26.88 1.50
C GLY A 272 -11.64 28.19 2.04
N MET A 273 -10.81 29.23 2.04
CA MET A 273 -11.13 30.47 2.73
C MET A 273 -10.12 31.54 2.34
N GLU A 274 -9.33 31.26 1.30
CA GLU A 274 -8.17 32.06 0.93
C GLU A 274 -8.53 33.52 0.65
N GLY A 275 -9.28 33.77 -0.41
CA GLY A 275 -9.59 35.11 -0.88
C GLY A 275 -10.16 36.05 0.16
N LEU A 276 -10.79 35.48 1.21
CA LEU A 276 -11.26 36.28 2.33
C LEU A 276 -10.12 37.10 2.92
N LEU A 277 -8.99 36.46 3.19
CA LEU A 277 -7.82 37.17 3.67
C LEU A 277 -7.41 38.28 2.72
N GLY A 278 -7.42 37.99 1.41
CA GLY A 278 -7.00 39.00 0.46
C GLY A 278 -7.85 40.25 0.52
N THR A 279 -9.14 40.09 0.77
CA THR A 279 -10.01 41.26 0.95
C THR A 279 -9.80 41.94 2.29
N LEU A 280 -9.21 41.26 3.26
CA LEU A 280 -8.95 41.82 4.59
C LEU A 280 -7.63 42.58 4.64
N VAL A 281 -6.56 41.99 4.12
CA VAL A 281 -5.26 42.66 4.13
C VAL A 281 -5.36 44.00 3.42
N GLN A 282 -6.29 44.13 2.48
CA GLN A 282 -6.49 45.40 1.78
C GLN A 282 -7.17 46.42 2.68
N LEU A 283 -8.19 45.99 3.44
CA LEU A 283 -8.95 46.91 4.28
C LEU A 283 -8.10 47.57 5.35
N LEU A 284 -6.88 47.08 5.59
CA LEU A 284 -6.04 47.63 6.66
C LEU A 284 -5.67 49.09 6.42
N GLY A 285 -5.84 49.58 5.20
CA GLY A 285 -5.56 50.98 4.91
C GLY A 285 -6.80 51.74 4.48
N SER A 286 -7.87 51.62 5.26
CA SER A 286 -9.16 52.23 4.96
C SER A 286 -9.40 53.45 5.85
N ASP A 287 -10.55 54.10 5.63
CA ASP A 287 -10.82 55.37 6.30
C ASP A 287 -11.27 55.16 7.74
N ASP A 288 -12.22 54.25 7.97
CA ASP A 288 -12.76 54.05 9.31
C ASP A 288 -11.75 53.28 10.15
N ILE A 289 -11.21 53.92 11.18
CA ILE A 289 -10.26 53.27 12.07
C ILE A 289 -10.92 52.11 12.80
N ASN A 290 -12.25 52.07 12.83
CA ASN A 290 -12.95 50.91 13.38
C ASN A 290 -12.62 49.65 12.59
N VAL A 291 -12.77 49.72 11.26
CA VAL A 291 -12.59 48.54 10.41
C VAL A 291 -11.16 48.03 10.50
N VAL A 292 -10.20 48.94 10.47
CA VAL A 292 -8.79 48.54 10.56
C VAL A 292 -8.53 47.75 11.83
N THR A 293 -9.13 48.18 12.93
CA THR A 293 -8.96 47.49 14.21
C THR A 293 -9.46 46.05 14.12
N CYS A 294 -10.74 45.88 13.79
CA CYS A 294 -11.30 44.53 13.70
C CYS A 294 -10.62 43.72 12.60
N ALA A 295 -10.21 44.37 11.51
CA ALA A 295 -9.52 43.66 10.44
C ALA A 295 -8.17 43.13 10.91
N ALA A 296 -7.41 43.96 11.63
CA ALA A 296 -6.14 43.50 12.19
C ALA A 296 -6.33 42.38 13.20
N GLY A 297 -7.50 42.29 13.81
CA GLY A 297 -7.80 41.20 14.72
C GLY A 297 -8.24 39.93 14.00
N ILE A 298 -8.99 40.10 12.91
CA ILE A 298 -9.42 38.95 12.13
C ILE A 298 -8.22 38.17 11.62
N LEU A 299 -7.14 38.88 11.27
CA LEU A 299 -5.95 38.21 10.77
C LEU A 299 -5.09 37.63 11.87
N SER A 300 -5.25 38.08 13.12
CA SER A 300 -4.45 37.54 14.22
C SER A 300 -4.88 36.11 14.54
N ASN A 301 -6.17 35.90 14.82
CA ASN A 301 -6.66 34.58 15.20
C ASN A 301 -6.93 33.66 14.02
N LEU A 302 -6.93 34.18 12.79
CA LEU A 302 -6.94 33.32 11.61
C LEU A 302 -5.55 32.82 11.26
N THR A 303 -4.55 33.14 12.08
CA THR A 303 -3.18 32.75 11.83
C THR A 303 -2.55 31.98 12.98
N CYS A 304 -3.14 32.01 14.18
CA CYS A 304 -2.60 31.29 15.33
C CYS A 304 -2.53 29.79 15.05
N ASN A 305 -1.35 29.32 14.65
CA ASN A 305 -1.09 27.91 14.38
C ASN A 305 -1.84 27.40 13.16
N ASN A 306 -1.42 27.84 11.97
CA ASN A 306 -1.93 27.35 10.69
C ASN A 306 -1.12 27.95 9.55
N TYR A 307 -0.12 27.22 9.04
CA TYR A 307 0.70 27.74 7.95
C TYR A 307 0.08 27.46 6.58
N LYS A 308 -1.25 27.38 6.52
CA LYS A 308 -1.98 27.30 5.26
C LYS A 308 -2.58 28.63 4.85
N ASN A 309 -3.02 29.43 5.83
CA ASN A 309 -3.42 30.83 5.64
C ASN A 309 -2.24 31.78 5.61
N LYS A 310 -1.16 31.45 6.31
CA LYS A 310 -0.01 32.35 6.41
C LYS A 310 0.59 32.66 5.05
N MET A 311 0.97 31.62 4.31
CA MET A 311 1.56 31.82 2.99
C MET A 311 0.65 32.63 2.08
N MET A 312 -0.67 32.49 2.26
CA MET A 312 -1.61 33.30 1.49
C MET A 312 -1.54 34.77 1.87
N VAL A 313 -1.23 35.07 3.13
CA VAL A 313 -1.15 36.47 3.56
C VAL A 313 0.13 37.12 3.04
N CYS A 314 1.23 36.38 3.03
CA CYS A 314 2.50 36.96 2.61
C CYS A 314 2.50 37.28 1.13
N GLN A 315 2.06 36.34 0.29
CA GLN A 315 2.07 36.52 -1.15
C GLN A 315 1.05 37.56 -1.64
N VAL A 316 0.32 38.21 -0.73
CA VAL A 316 -0.52 39.34 -1.09
C VAL A 316 -0.06 40.63 -0.42
N GLY A 317 1.12 40.62 0.18
CA GLY A 317 1.65 41.82 0.82
C GLY A 317 1.15 42.06 2.23
N GLY A 318 1.06 41.01 3.04
CA GLY A 318 0.55 41.19 4.39
C GLY A 318 1.50 41.99 5.28
N ILE A 319 2.80 41.66 5.23
CA ILE A 319 3.78 42.35 6.06
C ILE A 319 3.80 43.84 5.72
N GLU A 320 3.76 44.16 4.43
CA GLU A 320 3.66 45.56 4.01
C GLU A 320 2.42 46.21 4.60
N ALA A 321 1.28 45.53 4.52
CA ALA A 321 0.02 46.10 5.01
C ALA A 321 0.03 46.27 6.52
N LEU A 322 0.78 45.45 7.25
CA LEU A 322 0.75 45.48 8.70
C LEU A 322 1.74 46.50 9.28
N VAL A 323 2.98 46.51 8.78
CA VAL A 323 3.96 47.49 9.25
C VAL A 323 3.42 48.90 9.09
N ARG A 324 2.83 49.18 7.92
CA ARG A 324 2.19 50.48 7.71
C ARG A 324 1.04 50.69 8.68
N THR A 325 0.23 49.66 8.91
CA THR A 325 -0.88 49.79 9.86
C THR A 325 -0.35 49.97 11.28
N VAL A 326 0.70 49.23 11.64
CA VAL A 326 1.36 49.45 12.94
C VAL A 326 1.89 50.88 13.02
N LEU A 327 2.25 51.46 11.88
CA LEU A 327 2.81 52.81 11.84
C LEU A 327 1.74 53.90 11.76
N ARG A 328 0.52 53.55 11.33
CA ARG A 328 -0.57 54.53 11.33
C ARG A 328 -0.81 55.10 12.72
N ALA A 329 -1.10 54.23 13.69
CA ALA A 329 -1.43 54.67 15.04
C ALA A 329 -0.19 54.70 15.92
N GLY A 330 0.14 53.57 16.55
CA GLY A 330 1.28 53.50 17.44
C GLY A 330 0.87 53.64 18.89
N ASP A 331 0.39 54.83 19.27
CA ASP A 331 -0.06 55.04 20.64
C ASP A 331 -1.37 54.33 20.93
N ARG A 332 -2.26 54.24 19.94
CA ARG A 332 -3.48 53.45 20.09
C ARG A 332 -3.12 51.97 20.16
N GLU A 333 -3.71 51.26 21.13
CA GLU A 333 -3.40 49.85 21.33
C GLU A 333 -4.49 48.91 20.83
N ASP A 334 -5.69 49.40 20.51
CA ASP A 334 -6.67 48.55 19.86
C ASP A 334 -6.19 48.11 18.49
N ILE A 335 -5.37 48.92 17.83
CA ILE A 335 -4.77 48.56 16.54
C ILE A 335 -3.47 47.80 16.73
N THR A 336 -2.70 48.17 17.76
CA THR A 336 -1.31 47.72 17.85
C THR A 336 -1.23 46.24 18.18
N GLU A 337 -1.99 45.78 19.18
CA GLU A 337 -1.90 44.38 19.59
C GLU A 337 -2.19 43.41 18.45
N PRO A 338 -3.36 43.44 17.81
CA PRO A 338 -3.68 42.39 16.83
C PRO A 338 -2.80 42.43 15.60
N ALA A 339 -2.10 43.53 15.34
CA ALA A 339 -1.15 43.60 14.22
C ALA A 339 0.24 43.14 14.64
N ILE A 340 0.71 43.59 15.80
CA ILE A 340 1.96 43.07 16.35
C ILE A 340 1.82 41.57 16.63
N CYS A 341 0.74 41.19 17.32
CA CYS A 341 0.48 39.78 17.57
C CYS A 341 0.19 39.00 16.29
N ALA A 342 -0.13 39.69 15.19
CA ALA A 342 -0.25 39.02 13.90
C ALA A 342 1.13 38.75 13.30
N LEU A 343 1.95 39.81 13.16
CA LEU A 343 3.28 39.66 12.59
C LEU A 343 4.09 38.57 13.28
N ARG A 344 3.80 38.32 14.57
CA ARG A 344 4.42 37.19 15.25
C ARG A 344 4.01 35.87 14.64
N HIS A 345 2.71 35.70 14.33
CA HIS A 345 2.22 34.47 13.72
C HIS A 345 2.83 34.26 12.34
N LEU A 346 2.96 35.34 11.57
CA LEU A 346 3.62 35.31 10.26
C LEU A 346 5.14 35.33 10.37
N THR A 347 5.71 34.89 11.50
CA THR A 347 7.16 34.87 11.68
C THR A 347 7.56 33.70 12.58
N SER A 348 6.91 32.55 12.39
CA SER A 348 7.19 31.35 13.17
C SER A 348 6.54 30.12 12.55
N ARG A 349 7.36 29.14 12.19
CA ARG A 349 6.90 27.81 11.77
C ARG A 349 6.03 27.90 10.53
N HIS A 350 6.70 28.16 9.41
CA HIS A 350 6.06 28.06 8.10
C HIS A 350 7.11 28.19 7.02
N GLN A 351 6.68 27.98 5.78
CA GLN A 351 7.55 27.98 4.60
C GLN A 351 8.26 29.32 4.44
N GLU A 352 7.52 30.35 4.00
CA GLU A 352 8.11 31.66 3.78
C GLU A 352 8.44 32.35 5.09
N ALA A 353 9.08 31.63 6.01
CA ALA A 353 9.49 32.20 7.29
C ALA A 353 10.56 33.25 7.08
N GLU A 354 11.75 32.81 6.63
CA GLU A 354 12.89 33.71 6.48
C GLU A 354 12.53 34.96 5.66
N MET A 355 11.77 34.78 4.58
CA MET A 355 11.35 35.94 3.78
C MET A 355 10.49 36.87 4.61
N ALA A 356 9.57 36.32 5.41
CA ALA A 356 8.73 37.15 6.26
C ALA A 356 9.54 37.83 7.36
N GLN A 357 10.61 37.18 7.83
CA GLN A 357 11.52 37.84 8.76
C GLN A 357 12.30 38.95 8.06
N ASN A 358 12.67 38.72 6.80
CA ASN A 358 13.31 39.77 6.00
C ASN A 358 12.34 40.91 5.74
N ALA A 359 11.16 40.59 5.21
CA ALA A 359 10.24 41.60 4.70
C ALA A 359 9.90 42.65 5.75
N VAL A 360 9.96 42.31 7.03
CA VAL A 360 9.77 43.30 8.08
C VAL A 360 10.87 44.36 8.01
N ARG A 361 12.12 43.92 7.83
CA ARG A 361 13.24 44.85 7.79
C ARG A 361 13.19 45.71 6.54
N LEU A 362 13.00 45.09 5.37
CA LEU A 362 13.01 45.83 4.11
C LEU A 362 11.95 46.94 4.12
N HIS A 363 10.75 46.63 4.58
CA HIS A 363 9.68 47.61 4.66
C HIS A 363 9.83 48.55 5.85
N TYR A 364 11.02 48.61 6.45
CA TYR A 364 11.29 49.44 7.62
C TYR A 364 10.35 49.10 8.77
N GLY A 365 10.62 47.99 9.44
CA GLY A 365 9.81 47.60 10.58
C GLY A 365 10.53 47.78 11.90
N LEU A 366 11.78 47.33 11.96
CA LEU A 366 12.66 47.31 13.13
C LEU A 366 12.46 48.49 14.08
N PRO A 367 12.39 49.76 13.61
CA PRO A 367 12.13 50.86 14.53
C PRO A 367 10.76 50.79 15.19
N VAL A 368 9.69 50.81 14.38
CA VAL A 368 8.34 50.85 14.93
C VAL A 368 8.04 49.63 15.79
N VAL A 369 8.85 48.57 15.68
CA VAL A 369 8.71 47.42 16.57
C VAL A 369 9.31 47.73 17.93
N VAL A 370 10.60 48.07 17.96
CA VAL A 370 11.28 48.34 19.22
C VAL A 370 10.69 49.56 19.91
N LYS A 371 10.08 50.47 19.15
CA LYS A 371 9.44 51.64 19.75
C LYS A 371 8.31 51.22 20.69
N LEU A 372 7.58 50.17 20.34
CA LEU A 372 6.44 49.71 21.13
C LEU A 372 6.87 48.99 22.41
N LEU A 373 8.16 48.73 22.60
CA LEU A 373 8.64 48.30 23.90
C LEU A 373 8.47 49.40 24.94
N HIS A 374 8.73 50.65 24.55
CA HIS A 374 8.72 51.78 25.46
C HIS A 374 7.30 52.19 25.82
N PRO A 375 7.11 52.82 26.97
CA PRO A 375 5.80 53.37 27.32
C PRO A 375 5.35 54.39 26.29
N PRO A 376 4.06 54.76 26.25
CA PRO A 376 2.96 54.41 27.16
C PRO A 376 2.38 53.01 26.98
N SER A 377 3.01 52.18 26.15
CA SER A 377 2.48 50.85 25.86
C SER A 377 2.28 50.05 27.15
N HIS A 378 1.20 49.29 27.18
CA HIS A 378 0.85 48.47 28.34
C HIS A 378 1.15 47.00 28.05
N TRP A 379 1.02 46.18 29.10
CA TRP A 379 1.67 44.87 29.14
C TRP A 379 1.29 43.93 27.99
N PRO A 380 0.00 43.73 27.66
CA PRO A 380 -0.31 42.72 26.62
C PRO A 380 0.34 43.01 25.27
N LEU A 381 0.42 44.28 24.88
CA LEU A 381 1.14 44.63 23.65
C LEU A 381 2.63 44.30 23.78
N ILE A 382 3.21 44.58 24.96
CA ILE A 382 4.62 44.29 25.18
C ILE A 382 4.89 42.80 25.09
N LYS A 383 3.89 41.97 25.43
CA LYS A 383 4.05 40.53 25.27
C LYS A 383 4.25 40.17 23.80
N ALA A 384 3.35 40.63 22.94
CA ALA A 384 3.45 40.28 21.51
C ALA A 384 4.70 40.88 20.90
N THR A 385 5.08 42.09 21.31
CA THR A 385 6.26 42.74 20.77
C THR A 385 7.52 41.95 21.11
N VAL A 386 7.68 41.59 22.39
CA VAL A 386 8.85 40.83 22.81
C VAL A 386 8.92 39.51 22.06
N GLY A 387 7.79 38.81 21.96
CA GLY A 387 7.76 37.57 21.18
C GLY A 387 8.08 37.80 19.72
N LEU A 388 7.72 38.96 19.18
CA LEU A 388 8.04 39.25 17.78
C LEU A 388 9.52 39.52 17.58
N ILE A 389 10.19 40.13 18.57
CA ILE A 389 11.61 40.39 18.44
C ILE A 389 12.41 39.10 18.50
N ARG A 390 11.99 38.17 19.37
CA ARG A 390 12.56 36.82 19.33
C ARG A 390 12.40 36.22 17.94
N ASN A 391 11.20 36.34 17.37
CA ASN A 391 10.96 35.82 16.03
C ASN A 391 11.84 36.52 15.01
N LEU A 392 11.88 37.85 15.04
CA LEU A 392 12.62 38.60 14.02
C LEU A 392 14.11 38.26 14.05
N ALA A 393 14.65 37.89 15.20
CA ALA A 393 16.08 37.65 15.34
C ALA A 393 16.55 36.37 14.66
N LEU A 394 15.64 35.56 14.12
CA LEU A 394 16.05 34.29 13.50
C LEU A 394 16.83 34.52 12.22
N CYS A 395 16.48 35.55 11.44
CA CYS A 395 17.33 35.94 10.32
C CYS A 395 18.38 36.92 10.84
N PRO A 396 19.64 36.48 10.97
CA PRO A 396 20.63 37.30 11.69
C PRO A 396 20.88 38.66 11.07
N ALA A 397 20.37 38.93 9.86
CA ALA A 397 20.43 40.29 9.34
C ALA A 397 19.65 41.25 10.23
N ASN A 398 18.61 40.76 10.92
CA ASN A 398 17.85 41.58 11.85
C ASN A 398 18.59 41.87 13.14
N HIS A 399 19.72 41.20 13.39
CA HIS A 399 20.47 41.44 14.62
C HIS A 399 21.13 42.82 14.61
N ALA A 400 21.81 43.16 13.52
CA ALA A 400 22.54 44.43 13.44
C ALA A 400 21.67 45.65 13.73
N PRO A 401 20.45 45.79 13.20
CA PRO A 401 19.64 46.97 13.55
C PRO A 401 19.19 46.95 15.00
N LEU A 402 18.62 45.83 15.45
CA LEU A 402 18.14 45.71 16.83
C LEU A 402 19.23 46.10 17.83
N ARG A 403 20.47 45.70 17.55
CA ARG A 403 21.60 46.15 18.35
C ARG A 403 21.73 47.67 18.31
N GLU A 404 21.66 48.25 17.11
CA GLU A 404 21.82 49.68 16.92
C GLU A 404 20.50 50.43 16.98
N GLN A 405 19.44 49.78 17.48
CA GLN A 405 18.12 50.38 17.60
C GLN A 405 17.78 50.74 19.04
N GLY A 406 18.65 50.47 20.00
CA GLY A 406 18.28 50.58 21.40
C GLY A 406 17.21 49.59 21.76
N ALA A 407 17.58 48.31 21.87
CA ALA A 407 16.61 47.25 22.09
C ALA A 407 17.01 46.35 23.25
N ILE A 408 18.20 45.76 23.17
CA ILE A 408 18.72 44.87 24.21
C ILE A 408 18.63 45.52 25.59
N PRO A 409 18.90 46.84 25.75
CA PRO A 409 18.62 47.48 27.04
C PRO A 409 17.18 47.35 27.48
N ARG A 410 16.24 47.90 26.71
CA ARG A 410 14.84 47.91 27.14
C ARG A 410 14.30 46.49 27.33
N LEU A 411 14.89 45.50 26.67
CA LEU A 411 14.58 44.11 27.00
C LEU A 411 15.02 43.78 28.42
N VAL A 412 16.28 44.06 28.74
CA VAL A 412 16.84 43.60 30.02
C VAL A 412 16.20 44.33 31.19
N GLN A 413 15.72 45.56 30.97
CA GLN A 413 15.04 46.28 32.05
C GLN A 413 13.63 45.73 32.25
N LEU A 414 12.89 45.54 31.16
CA LEU A 414 11.56 44.94 31.24
C LEU A 414 11.60 43.61 31.99
N LEU A 415 12.66 42.82 31.76
CA LEU A 415 12.82 41.56 32.48
C LEU A 415 12.88 41.80 33.98
N VAL A 416 13.64 42.81 34.41
CA VAL A 416 13.72 43.13 35.83
C VAL A 416 12.37 43.61 36.36
N ARG A 417 11.70 44.48 35.58
CA ARG A 417 10.36 44.94 35.98
C ARG A 417 9.42 43.76 36.21
N ALA A 418 9.54 42.71 35.41
CA ALA A 418 8.76 41.50 35.58
C ALA A 418 9.38 40.53 36.57
N HIS A 419 10.62 40.74 36.98
CA HIS A 419 11.33 39.80 37.86
C HIS A 419 11.16 40.15 39.34
N GLN A 420 11.67 41.32 39.74
CA GLN A 420 11.79 41.74 41.13
C GLN A 420 10.54 41.43 41.97
N ASP A 421 9.39 41.29 41.33
CA ASP A 421 8.14 40.96 41.99
C ASP A 421 7.77 39.48 41.83
N THR A 422 8.77 38.59 41.85
CA THR A 422 8.51 37.16 41.71
C THR A 422 9.46 36.34 42.58
N VAL A 439 -2.11 39.33 32.87
CA VAL A 439 -1.12 38.34 32.46
C VAL A 439 0.03 38.26 33.46
N ARG A 440 0.62 37.07 33.57
CA ARG A 440 1.71 36.86 34.52
C ARG A 440 2.99 37.51 34.01
N MET A 441 3.65 38.29 34.87
CA MET A 441 4.96 38.83 34.54
C MET A 441 5.95 37.73 34.23
N GLU A 442 5.73 36.52 34.76
CA GLU A 442 6.60 35.39 34.48
C GLU A 442 6.47 34.93 33.04
N GLU A 443 5.33 35.16 32.40
CA GLU A 443 5.19 34.89 30.98
C GLU A 443 6.06 35.82 30.14
N ILE A 444 6.47 36.96 30.69
CA ILE A 444 7.40 37.84 30.00
C ILE A 444 8.84 37.46 30.31
N VAL A 445 9.13 37.16 31.58
CA VAL A 445 10.46 36.72 32.00
C VAL A 445 10.99 35.64 31.08
N GLU A 446 10.12 34.69 30.71
CA GLU A 446 10.47 33.68 29.71
C GLU A 446 10.75 34.32 28.36
N GLY A 447 9.73 34.97 27.78
CA GLY A 447 9.88 35.51 26.45
C GLY A 447 10.90 36.63 26.35
N CYS A 448 11.09 37.37 27.44
CA CYS A 448 12.05 38.46 27.41
C CYS A 448 13.47 37.94 27.54
N THR A 449 13.65 36.76 28.15
CA THR A 449 14.95 36.12 28.16
C THR A 449 15.16 35.31 26.90
N GLY A 450 14.13 34.55 26.49
CA GLY A 450 14.19 33.76 25.26
C GLY A 450 14.36 34.59 24.01
N ALA A 451 14.20 35.90 24.10
CA ALA A 451 14.54 36.79 22.99
C ALA A 451 15.98 37.26 23.04
N LEU A 452 16.64 37.16 24.19
CA LEU A 452 18.08 37.35 24.27
C LEU A 452 18.85 36.12 23.78
N HIS A 453 18.20 34.96 23.75
CA HIS A 453 18.84 33.74 23.28
C HIS A 453 18.95 33.72 21.76
N ILE A 454 17.88 34.09 21.06
CA ILE A 454 17.94 34.27 19.61
C ILE A 454 18.67 35.55 19.24
N LEU A 455 18.96 36.41 20.23
CA LEU A 455 19.76 37.61 20.01
C LEU A 455 21.23 37.40 20.32
N ALA A 456 21.56 36.45 21.20
CA ALA A 456 22.95 36.19 21.52
C ALA A 456 23.69 35.47 20.39
N ARG A 457 22.98 34.93 19.40
CA ARG A 457 23.66 34.27 18.29
C ARG A 457 24.46 35.26 17.43
N ASP A 458 24.31 36.56 17.65
CA ASP A 458 25.15 37.57 17.03
C ASP A 458 26.24 37.99 18.00
N VAL A 459 27.41 38.33 17.45
CA VAL A 459 28.61 38.51 18.26
C VAL A 459 28.51 39.76 19.13
N HIS A 460 28.28 40.91 18.50
CA HIS A 460 28.32 42.18 19.24
C HIS A 460 27.26 42.24 20.33
N ASN A 461 26.11 41.60 20.11
CA ASN A 461 25.04 41.65 21.10
C ASN A 461 25.45 40.97 22.39
N ARG A 462 26.29 39.94 22.31
CA ARG A 462 26.79 39.29 23.51
C ARG A 462 27.64 40.23 24.36
N ILE A 463 28.29 41.20 23.71
CA ILE A 463 29.01 42.22 24.47
C ILE A 463 28.04 43.20 25.10
N VAL A 464 26.98 43.58 24.38
CA VAL A 464 26.01 44.53 24.91
C VAL A 464 25.28 43.93 26.11
N ILE A 465 24.95 42.64 26.04
CA ILE A 465 24.37 41.95 27.20
C ILE A 465 25.39 41.92 28.33
N ARG A 466 26.62 41.50 28.02
CA ARG A 466 27.69 41.51 29.00
C ARG A 466 27.94 42.91 29.55
N GLY A 467 27.78 43.93 28.71
CA GLY A 467 28.09 45.28 29.13
C GLY A 467 27.17 45.82 30.22
N LEU A 468 25.90 45.42 30.20
CA LEU A 468 24.93 45.90 31.17
C LEU A 468 25.06 45.21 32.53
N ASN A 469 26.06 44.36 32.71
CA ASN A 469 26.35 43.71 33.98
C ASN A 469 25.12 42.96 34.51
N THR A 470 24.78 41.88 33.81
CA THR A 470 23.54 41.17 34.03
C THR A 470 23.73 39.71 34.43
N ILE A 471 24.93 39.15 34.29
CA ILE A 471 25.21 37.73 34.53
C ILE A 471 24.65 37.24 35.86
N PRO A 472 24.68 38.01 36.96
CA PRO A 472 24.01 37.55 38.19
C PRO A 472 22.53 37.29 38.01
N LEU A 473 21.86 37.97 37.08
CA LEU A 473 20.41 37.80 36.94
C LEU A 473 20.07 36.51 36.20
N PHE A 474 20.74 36.24 35.08
CA PHE A 474 20.52 34.97 34.37
C PHE A 474 20.83 33.79 35.27
N VAL A 475 21.92 33.88 36.05
CA VAL A 475 22.24 32.85 37.02
C VAL A 475 21.14 32.73 38.07
N GLN A 476 20.60 33.88 38.49
CA GLN A 476 19.50 33.86 39.46
C GLN A 476 18.29 33.12 38.91
N LEU A 477 18.07 33.22 37.59
CA LEU A 477 16.87 32.64 36.99
C LEU A 477 16.87 31.12 37.11
N LEU A 478 18.03 30.49 36.89
CA LEU A 478 18.11 29.03 36.86
C LEU A 478 17.47 28.40 38.10
N TYR A 479 17.61 29.05 39.26
CA TYR A 479 17.06 28.52 40.49
C TYR A 479 15.53 28.49 40.51
N SER A 480 14.88 29.11 39.54
CA SER A 480 13.43 29.06 39.43
C SER A 480 12.98 27.62 39.24
N PRO A 481 12.20 27.05 40.16
CA PRO A 481 11.79 25.65 40.00
C PRO A 481 10.53 25.51 39.16
N ILE A 482 10.27 26.48 38.28
CA ILE A 482 9.10 26.41 37.41
C ILE A 482 9.40 25.43 36.28
N GLU A 483 9.60 25.93 35.07
CA GLU A 483 9.87 25.03 33.94
C GLU A 483 10.57 25.72 32.78
N ASN A 484 9.78 26.23 31.82
CA ASN A 484 10.36 26.79 30.59
C ASN A 484 11.33 27.92 30.87
N ILE A 485 11.22 28.59 32.02
CA ILE A 485 12.18 29.63 32.39
C ILE A 485 13.58 29.05 32.55
N GLN A 486 13.67 27.78 32.98
CA GLN A 486 14.97 27.12 33.10
C GLN A 486 15.70 27.12 31.76
N ARG A 487 15.00 26.75 30.69
CA ARG A 487 15.56 26.66 29.35
C ARG A 487 16.20 27.96 28.88
N VAL A 488 15.37 28.95 28.55
CA VAL A 488 15.84 30.17 27.92
C VAL A 488 16.87 30.91 28.78
N ALA A 489 16.87 30.66 30.08
CA ALA A 489 17.91 31.21 30.94
C ALA A 489 19.26 30.63 30.54
N ALA A 490 19.43 29.31 30.68
CA ALA A 490 20.67 28.68 30.27
C ALA A 490 20.94 28.88 28.78
N GLY A 491 19.90 29.14 27.98
CA GLY A 491 20.10 29.35 26.56
C GLY A 491 20.94 30.58 26.28
N VAL A 492 20.55 31.72 26.85
CA VAL A 492 21.34 32.93 26.68
C VAL A 492 22.67 32.82 27.40
N LEU A 493 22.81 31.89 28.35
CA LEU A 493 24.11 31.62 28.95
C LEU A 493 24.93 30.68 28.09
N CYS A 494 24.31 29.63 27.55
CA CYS A 494 25.03 28.70 26.68
C CYS A 494 25.60 29.41 25.47
N GLU A 495 24.82 30.33 24.87
CA GLU A 495 25.35 31.16 23.79
C GLU A 495 26.42 32.10 24.29
N LEU A 496 26.27 32.62 25.51
CA LEU A 496 27.22 33.61 26.03
C LEU A 496 28.56 32.98 26.36
N ALA A 497 28.56 31.73 26.84
CA ALA A 497 29.78 31.09 27.32
C ALA A 497 30.71 30.64 26.21
N GLN A 498 30.32 30.77 24.93
CA GLN A 498 31.20 30.36 23.85
C GLN A 498 32.45 31.22 23.79
N ASP A 499 32.36 32.49 24.19
CA ASP A 499 33.53 33.34 24.28
C ASP A 499 34.37 32.99 25.50
N LYS A 500 35.62 33.44 25.48
CA LYS A 500 36.55 33.11 26.54
C LYS A 500 36.12 33.73 27.87
N GLU A 501 35.91 35.04 27.88
CA GLU A 501 35.77 35.77 29.13
C GLU A 501 34.49 35.43 29.89
N ALA A 502 33.50 34.84 29.23
CA ALA A 502 32.29 34.42 29.95
C ALA A 502 32.60 33.33 30.95
N ALA A 503 33.49 32.40 30.58
CA ALA A 503 33.95 31.40 31.54
C ALA A 503 34.62 32.06 32.74
N GLU A 504 35.40 33.12 32.49
CA GLU A 504 36.05 33.87 33.55
C GLU A 504 35.10 34.84 34.26
N ALA A 505 33.79 34.67 34.07
CA ALA A 505 32.81 35.54 34.69
C ALA A 505 31.65 34.74 35.28
N ILE A 506 31.06 33.85 34.49
CA ILE A 506 29.93 33.05 34.97
C ILE A 506 30.39 32.01 35.98
N GLU A 507 31.66 31.59 35.90
CA GLU A 507 32.17 30.64 36.88
C GLU A 507 32.21 31.22 38.29
N ALA A 508 32.15 32.54 38.41
CA ALA A 508 31.94 33.20 39.70
C ALA A 508 30.43 33.33 39.93
N GLU A 509 30.02 34.29 40.77
CA GLU A 509 28.62 34.61 41.00
C GLU A 509 27.79 33.44 41.54
N GLY A 510 28.21 32.21 41.27
CA GLY A 510 27.50 31.04 41.75
C GLY A 510 26.77 30.27 40.68
N ALA A 511 27.51 29.76 39.70
CA ALA A 511 26.93 28.95 38.63
C ALA A 511 27.59 27.58 38.48
N THR A 512 28.83 27.42 38.94
CA THR A 512 29.58 26.18 38.76
C THR A 512 29.10 25.12 39.75
N ALA A 513 27.80 25.09 40.01
CA ALA A 513 27.21 24.14 40.94
C ALA A 513 25.69 24.06 40.79
N PRO A 514 24.95 25.18 40.76
CA PRO A 514 23.50 25.05 40.56
C PRO A 514 23.13 24.41 39.24
N LEU A 515 23.85 24.73 38.16
CA LEU A 515 23.63 24.01 36.91
C LEU A 515 24.06 22.56 37.04
N THR A 516 25.16 22.29 37.74
CA THR A 516 25.60 20.92 37.97
C THR A 516 24.55 20.14 38.75
N GLU A 517 23.76 20.82 39.57
CA GLU A 517 22.58 20.22 40.19
C GLU A 517 21.32 20.70 39.48
N LEU A 518 21.27 20.38 38.18
CA LEU A 518 20.14 20.72 37.34
C LEU A 518 20.11 19.79 36.13
N LEU A 519 21.28 19.26 35.77
CA LEU A 519 21.37 18.32 34.65
C LEU A 519 20.38 17.16 34.81
N HIS A 520 20.07 16.79 36.04
CA HIS A 520 19.10 15.74 36.36
C HIS A 520 17.65 16.17 36.08
N SER A 521 17.43 17.31 35.42
CA SER A 521 16.08 17.81 35.24
C SER A 521 15.23 16.84 34.42
N ARG A 522 13.94 16.79 34.74
CA ARG A 522 13.00 15.97 33.98
C ARG A 522 12.96 16.44 32.53
N ASN A 523 12.82 17.74 32.33
CA ASN A 523 12.92 18.30 30.98
C ASN A 523 14.31 18.06 30.43
N GLU A 524 14.39 17.72 29.15
CA GLU A 524 15.65 17.33 28.53
C GLU A 524 16.35 18.47 27.82
N GLY A 525 15.62 19.29 27.06
CA GLY A 525 16.21 20.50 26.53
C GLY A 525 16.66 21.46 27.61
N VAL A 526 16.04 21.36 28.79
CA VAL A 526 16.48 22.14 29.94
C VAL A 526 17.80 21.58 30.49
N ALA A 527 17.92 20.25 30.53
CA ALA A 527 19.17 19.64 30.98
C ALA A 527 20.31 19.91 30.00
N THR A 528 20.07 19.69 28.71
CA THR A 528 21.05 19.94 27.68
C THR A 528 21.72 21.30 27.82
N TYR A 529 20.90 22.35 27.91
CA TYR A 529 21.42 23.71 28.08
C TYR A 529 22.16 23.84 29.41
N ALA A 530 21.56 23.33 30.49
CA ALA A 530 22.19 23.44 31.81
C ALA A 530 23.54 22.74 31.86
N ALA A 531 23.83 21.86 30.90
CA ALA A 531 25.12 21.20 30.83
C ALA A 531 26.09 21.96 29.92
N ALA A 532 25.62 22.36 28.73
CA ALA A 532 26.47 23.04 27.76
C ALA A 532 27.18 24.25 28.35
N VAL A 533 26.55 24.91 29.32
CA VAL A 533 27.21 25.99 30.04
C VAL A 533 28.39 25.45 30.85
N LEU A 534 28.16 24.37 31.60
CA LEU A 534 29.18 23.81 32.48
C LEU A 534 30.47 23.47 31.72
N PHE A 535 30.35 23.10 30.44
CA PHE A 535 31.51 22.78 29.63
C PHE A 535 32.43 23.98 29.49
N ARG A 536 32.01 24.99 28.73
CA ARG A 536 32.87 26.12 28.38
C ARG A 536 33.27 26.93 29.60
N MET A 537 33.83 26.26 30.61
CA MET A 537 34.25 26.93 31.84
C MET A 537 35.59 26.37 32.32
N SER A 538 35.75 25.04 32.23
CA SER A 538 36.99 24.41 32.66
C SER A 538 38.17 24.89 31.83
N GLU A 539 38.14 24.64 30.53
CA GLU A 539 39.20 25.08 29.64
C GLU A 539 38.65 25.42 28.26
N ASP B 20 66.92 -62.19 -30.41
CA ASP B 20 66.23 -62.03 -31.67
C ASP B 20 66.07 -60.56 -32.02
N ALA B 21 66.29 -59.68 -31.04
CA ALA B 21 66.18 -58.24 -31.22
C ALA B 21 67.33 -57.53 -30.52
N GLU B 22 68.51 -58.15 -30.53
CA GLU B 22 69.67 -57.61 -29.84
C GLU B 22 70.40 -56.54 -30.65
N LEU B 23 69.99 -56.33 -31.90
CA LEU B 23 70.61 -55.37 -32.79
C LEU B 23 69.62 -54.37 -33.36
N ALA B 24 68.32 -54.55 -33.08
CA ALA B 24 67.25 -53.67 -33.54
C ALA B 24 67.12 -52.39 -32.72
N THR B 25 68.06 -52.12 -31.81
CA THR B 25 68.05 -50.91 -30.99
C THR B 25 69.18 -49.95 -31.34
N ARG B 26 70.38 -50.47 -31.61
CA ARG B 26 71.50 -49.61 -31.99
C ARG B 26 71.18 -48.78 -33.22
N ALA B 27 70.37 -49.30 -34.14
CA ALA B 27 70.05 -48.64 -35.39
C ALA B 27 68.70 -47.92 -35.35
N ILE B 28 68.34 -47.35 -34.21
CA ILE B 28 67.08 -46.62 -34.08
C ILE B 28 67.30 -45.12 -33.92
N PRO B 29 68.20 -44.64 -33.03
CA PRO B 29 68.39 -43.19 -32.91
C PRO B 29 68.89 -42.54 -34.20
N GLU B 30 69.13 -43.34 -35.23
CA GLU B 30 69.33 -42.81 -36.57
C GLU B 30 68.02 -42.36 -37.20
N LEU B 31 66.92 -43.07 -36.91
CA LEU B 31 65.62 -42.65 -37.40
C LEU B 31 65.13 -41.39 -36.72
N THR B 32 65.64 -41.09 -35.51
CA THR B 32 65.46 -39.76 -34.94
C THR B 32 66.07 -38.71 -35.86
N LYS B 33 67.18 -39.04 -36.51
CA LYS B 33 67.84 -38.14 -37.45
C LYS B 33 67.37 -38.35 -38.88
N LEU B 34 66.74 -39.49 -39.19
CA LEU B 34 66.29 -39.76 -40.55
C LEU B 34 64.94 -39.13 -40.85
N LEU B 35 64.06 -39.05 -39.85
CA LEU B 35 62.77 -38.39 -40.02
C LEU B 35 62.82 -36.90 -39.69
N ASN B 36 63.82 -36.47 -38.93
CA ASN B 36 64.13 -35.05 -38.73
C ASN B 36 64.80 -34.43 -39.94
N ASP B 37 64.81 -35.18 -41.04
CA ASP B 37 65.52 -34.76 -42.25
C ASP B 37 64.98 -33.42 -42.74
N GLU B 38 65.90 -32.54 -43.14
CA GLU B 38 65.58 -31.17 -43.50
C GLU B 38 64.98 -31.03 -44.89
N ASP B 39 64.66 -32.14 -45.55
CA ASP B 39 64.05 -32.10 -46.89
C ASP B 39 63.11 -33.28 -46.99
N GLN B 40 61.80 -33.00 -47.09
CA GLN B 40 60.78 -34.05 -47.12
C GLN B 40 60.97 -34.97 -48.34
N VAL B 41 62.07 -35.71 -48.36
CA VAL B 41 62.35 -36.70 -49.41
C VAL B 41 62.80 -37.98 -48.73
N VAL B 42 63.70 -37.86 -47.75
CA VAL B 42 64.10 -39.02 -46.97
C VAL B 42 62.92 -39.57 -46.18
N VAL B 43 62.16 -38.67 -45.54
CA VAL B 43 61.09 -39.07 -44.64
C VAL B 43 59.93 -39.74 -45.37
N ASN B 44 59.86 -39.59 -46.71
CA ASN B 44 58.75 -40.15 -47.47
C ASN B 44 58.57 -41.64 -47.22
N LYS B 45 59.66 -42.40 -47.39
CA LYS B 45 59.65 -43.83 -47.05
C LYS B 45 60.18 -44.12 -45.66
N ALA B 46 61.04 -43.23 -45.12
CA ALA B 46 61.61 -43.47 -43.80
C ALA B 46 60.55 -43.58 -42.71
N ALA B 47 59.34 -43.07 -42.95
CA ALA B 47 58.25 -43.29 -42.02
C ALA B 47 57.60 -44.65 -42.25
N VAL B 48 57.46 -45.06 -43.51
CA VAL B 48 56.93 -46.40 -43.82
C VAL B 48 57.78 -47.48 -43.17
N MET B 49 59.08 -47.21 -43.01
CA MET B 49 59.93 -48.12 -42.24
C MET B 49 59.40 -48.27 -40.82
N VAL B 50 59.10 -47.16 -40.16
CA VAL B 50 58.68 -47.20 -38.77
C VAL B 50 57.32 -47.89 -38.64
N HIS B 51 56.40 -47.60 -39.56
CA HIS B 51 55.09 -48.23 -39.51
C HIS B 51 55.18 -49.73 -39.73
N GLN B 52 55.81 -50.15 -40.84
CA GLN B 52 56.02 -51.56 -41.09
C GLN B 52 56.85 -52.21 -39.99
N LEU B 53 57.63 -51.42 -39.24
CA LEU B 53 58.34 -51.93 -38.07
C LEU B 53 57.40 -52.12 -36.90
N SER B 54 56.46 -51.19 -36.69
CA SER B 54 55.54 -51.25 -35.56
C SER B 54 54.63 -52.47 -35.57
N LYS B 55 54.75 -53.36 -36.57
CA LYS B 55 53.92 -54.57 -36.63
C LYS B 55 54.51 -55.72 -35.82
N LYS B 56 55.83 -55.79 -35.72
CA LYS B 56 56.50 -56.87 -34.98
C LYS B 56 56.65 -56.44 -33.53
N GLU B 57 55.85 -57.05 -32.65
CA GLU B 57 55.87 -56.68 -31.23
C GLU B 57 57.24 -56.91 -30.62
N ALA B 58 57.95 -57.97 -31.04
CA ALA B 58 59.27 -58.22 -30.50
C ALA B 58 60.24 -57.10 -30.84
N SER B 59 60.04 -56.43 -31.98
CA SER B 59 60.81 -55.26 -32.34
C SER B 59 60.12 -53.95 -31.99
N ARG B 60 58.82 -53.99 -31.70
CA ARG B 60 58.05 -52.77 -31.48
C ARG B 60 58.51 -52.02 -30.24
N HIS B 61 58.62 -52.73 -29.11
CA HIS B 61 58.95 -52.14 -27.81
C HIS B 61 60.12 -51.17 -27.87
N ALA B 62 61.14 -51.51 -28.68
CA ALA B 62 62.33 -50.68 -28.76
C ALA B 62 62.00 -49.24 -29.14
N ILE B 63 60.87 -49.03 -29.84
CA ILE B 63 60.42 -47.68 -30.14
C ILE B 63 59.91 -46.99 -28.88
N MET B 64 58.92 -47.62 -28.22
CA MET B 64 58.20 -46.97 -27.12
C MET B 64 59.14 -46.50 -26.01
N ARG B 65 60.30 -47.14 -25.87
CA ARG B 65 61.24 -46.74 -24.82
C ARG B 65 62.06 -45.51 -25.19
N SER B 66 62.17 -45.18 -26.48
CA SER B 66 63.01 -44.10 -26.95
C SER B 66 62.19 -42.83 -27.13
N PRO B 67 62.24 -41.88 -26.19
CA PRO B 67 61.36 -40.70 -26.32
C PRO B 67 61.74 -39.80 -27.48
N GLN B 68 63.04 -39.56 -27.70
CA GLN B 68 63.46 -38.75 -28.83
C GLN B 68 62.99 -39.34 -30.15
N MET B 69 62.93 -40.67 -30.23
CA MET B 69 62.36 -41.31 -31.43
C MET B 69 60.85 -41.19 -31.46
N VAL B 70 60.20 -41.23 -30.30
CA VAL B 70 58.74 -41.10 -30.25
C VAL B 70 58.31 -39.71 -30.71
N SER B 71 58.87 -38.66 -30.09
CA SER B 71 58.47 -37.29 -30.39
C SER B 71 58.82 -36.86 -31.81
N ALA B 72 59.61 -37.65 -32.54
CA ALA B 72 59.85 -37.39 -33.95
C ALA B 72 58.76 -37.96 -34.85
N ILE B 73 58.01 -38.95 -34.37
CA ILE B 73 56.90 -39.51 -35.15
C ILE B 73 55.72 -38.57 -35.14
N VAL B 74 55.51 -37.85 -34.02
CA VAL B 74 54.38 -36.92 -33.93
C VAL B 74 54.60 -35.73 -34.85
N ARG B 75 55.80 -35.16 -34.83
CA ARG B 75 56.12 -34.01 -35.67
C ARG B 75 56.17 -34.36 -37.16
N THR B 76 56.05 -35.64 -37.51
CA THR B 76 56.00 -36.05 -38.92
C THR B 76 54.58 -36.01 -39.46
N MET B 77 53.63 -36.61 -38.73
CA MET B 77 52.25 -36.69 -39.18
C MET B 77 51.62 -35.31 -39.31
N GLN B 78 51.84 -34.44 -38.32
CA GLN B 78 51.29 -33.09 -38.31
C GLN B 78 52.02 -32.13 -39.26
N ASN B 79 52.74 -32.64 -40.26
CA ASN B 79 53.51 -31.79 -41.19
C ASN B 79 53.26 -32.17 -42.65
N THR B 80 52.96 -33.43 -42.91
CA THR B 80 53.02 -33.96 -44.27
C THR B 80 51.70 -33.76 -45.02
N ASN B 81 51.82 -33.55 -46.33
CA ASN B 81 50.70 -33.57 -47.25
C ASN B 81 50.68 -34.81 -48.13
N ASP B 82 51.77 -35.57 -48.18
CA ASP B 82 51.80 -36.80 -48.97
C ASP B 82 50.97 -37.87 -48.29
N VAL B 83 50.03 -38.45 -49.04
CA VAL B 83 49.09 -39.41 -48.45
C VAL B 83 49.81 -40.66 -47.97
N GLU B 84 50.80 -41.14 -48.73
CA GLU B 84 51.53 -42.34 -48.35
C GLU B 84 52.23 -42.18 -47.00
N THR B 85 52.62 -40.95 -46.65
CA THR B 85 53.37 -40.72 -45.42
C THR B 85 52.48 -40.79 -44.19
N ALA B 86 51.50 -39.89 -44.09
CA ALA B 86 50.67 -39.83 -42.88
C ALA B 86 49.87 -41.13 -42.68
N ARG B 87 49.47 -41.78 -43.77
CA ARG B 87 48.82 -43.09 -43.65
C ARG B 87 49.66 -44.06 -42.83
N CYS B 88 50.97 -44.07 -43.06
CA CYS B 88 51.89 -44.88 -42.26
C CYS B 88 52.33 -44.18 -40.99
N THR B 89 52.25 -42.85 -40.93
CA THR B 89 52.68 -42.13 -39.73
C THR B 89 51.66 -42.24 -38.61
N ALA B 90 50.37 -42.06 -38.95
CA ALA B 90 49.32 -42.13 -37.94
C ALA B 90 49.14 -43.56 -37.42
N GLY B 91 48.98 -44.51 -38.33
CA GLY B 91 48.87 -45.92 -37.98
C GLY B 91 50.02 -46.43 -37.14
N THR B 92 51.20 -45.81 -37.24
CA THR B 92 52.31 -46.12 -36.34
C THR B 92 51.88 -45.91 -34.89
N LEU B 93 51.29 -44.75 -34.61
CA LEU B 93 50.77 -44.49 -33.27
C LEU B 93 49.61 -45.41 -32.93
N HIS B 94 48.87 -45.86 -33.94
CA HIS B 94 47.73 -46.73 -33.70
C HIS B 94 48.17 -48.08 -33.13
N ASN B 95 49.19 -48.69 -33.75
CA ASN B 95 49.72 -49.93 -33.22
C ASN B 95 50.43 -49.71 -31.89
N LEU B 96 51.06 -48.54 -31.71
CA LEU B 96 51.66 -48.22 -30.43
C LEU B 96 50.62 -47.96 -29.36
N SER B 97 49.42 -47.53 -29.76
CA SER B 97 48.36 -47.30 -28.79
C SER B 97 47.80 -48.62 -28.26
N HIS B 98 47.93 -49.71 -29.03
CA HIS B 98 47.47 -51.01 -28.55
C HIS B 98 48.22 -51.46 -27.31
N HIS B 99 49.45 -50.99 -27.14
CA HIS B 99 50.28 -51.37 -26.00
C HIS B 99 50.03 -50.44 -24.81
N ARG B 100 50.35 -50.96 -23.62
CA ARG B 100 50.12 -50.22 -22.39
C ARG B 100 51.15 -49.11 -22.19
N GLU B 101 52.43 -49.49 -22.15
CA GLU B 101 53.50 -48.50 -21.99
C GLU B 101 53.58 -47.53 -23.15
N GLY B 102 53.08 -47.92 -24.33
CA GLY B 102 53.12 -47.02 -25.47
C GLY B 102 52.27 -45.78 -25.25
N LEU B 103 51.07 -45.95 -24.70
CA LEU B 103 50.19 -44.82 -24.41
C LEU B 103 50.91 -43.77 -23.58
N LEU B 104 51.80 -44.19 -22.69
CA LEU B 104 52.64 -43.23 -21.97
C LEU B 104 53.47 -42.39 -22.95
N ALA B 105 54.32 -43.04 -23.73
CA ALA B 105 55.21 -42.32 -24.64
C ALA B 105 54.44 -41.42 -25.60
N ILE B 106 53.23 -41.83 -26.01
CA ILE B 106 52.40 -40.97 -26.84
C ILE B 106 51.93 -39.75 -26.04
N PHE B 107 51.39 -39.99 -24.84
CA PHE B 107 50.97 -38.89 -23.99
C PHE B 107 52.19 -38.10 -23.48
N LYS B 108 53.27 -38.81 -23.14
CA LYS B 108 54.48 -38.14 -22.67
C LYS B 108 55.14 -37.28 -23.73
N SER B 109 54.74 -37.43 -25.00
CA SER B 109 55.33 -36.65 -26.09
C SER B 109 54.33 -35.71 -26.75
N GLY B 110 53.20 -35.45 -26.08
CA GLY B 110 52.17 -34.61 -26.66
C GLY B 110 51.50 -35.21 -27.88
N GLY B 111 51.25 -36.52 -27.86
CA GLY B 111 50.60 -37.14 -28.99
C GLY B 111 49.19 -36.64 -29.21
N ILE B 112 48.46 -36.40 -28.12
CA ILE B 112 47.08 -35.92 -28.19
C ILE B 112 47.02 -34.56 -28.88
N PRO B 113 47.77 -33.52 -28.42
CA PRO B 113 47.72 -32.23 -29.14
C PRO B 113 48.42 -32.32 -30.49
N ALA B 114 47.92 -33.22 -31.35
CA ALA B 114 48.48 -33.49 -32.66
C ALA B 114 47.59 -34.50 -33.38
N LEU B 115 47.19 -35.55 -32.66
CA LEU B 115 46.23 -36.50 -33.20
C LEU B 115 44.90 -35.82 -33.54
N VAL B 116 44.57 -34.73 -32.85
CA VAL B 116 43.35 -33.98 -33.13
C VAL B 116 43.46 -33.30 -34.49
N LYS B 117 44.59 -32.64 -34.74
CA LYS B 117 44.80 -31.93 -36.01
C LYS B 117 44.64 -32.85 -37.20
N MET B 118 45.03 -34.11 -37.05
CA MET B 118 44.95 -35.06 -38.15
C MET B 118 43.52 -35.46 -38.48
N LEU B 119 42.56 -35.13 -37.61
CA LEU B 119 41.16 -35.37 -37.93
C LEU B 119 40.63 -34.41 -38.99
N GLY B 120 41.40 -33.40 -39.37
CA GLY B 120 40.95 -32.46 -40.38
C GLY B 120 41.19 -32.92 -41.80
N SER B 121 42.19 -33.76 -42.01
CA SER B 121 42.49 -34.24 -43.35
C SER B 121 41.31 -35.03 -43.91
N PRO B 122 40.88 -34.75 -45.14
CA PRO B 122 39.69 -35.44 -45.67
C PRO B 122 39.93 -36.91 -45.96
N VAL B 123 41.17 -37.40 -45.86
CA VAL B 123 41.45 -38.80 -46.13
C VAL B 123 40.70 -39.68 -45.15
N ASP B 124 40.03 -40.70 -45.69
CA ASP B 124 39.27 -41.63 -44.83
C ASP B 124 40.20 -42.44 -43.94
N SER B 125 41.19 -43.11 -44.53
CA SER B 125 42.03 -44.05 -43.80
C SER B 125 42.65 -43.43 -42.55
N VAL B 126 43.09 -42.17 -42.66
CA VAL B 126 43.77 -41.52 -41.54
C VAL B 126 42.82 -41.40 -40.34
N LEU B 127 41.54 -41.13 -40.61
CA LEU B 127 40.58 -40.92 -39.53
C LEU B 127 40.45 -42.16 -38.65
N PHE B 128 40.30 -43.33 -39.26
CA PHE B 128 40.23 -44.58 -38.49
C PHE B 128 41.47 -44.76 -37.62
N TYR B 129 42.65 -44.65 -38.22
CA TYR B 129 43.90 -44.76 -37.47
C TYR B 129 44.12 -43.59 -36.52
N ALA B 130 43.38 -42.49 -36.68
CA ALA B 130 43.49 -41.36 -35.77
C ALA B 130 42.54 -41.46 -34.59
N ILE B 131 41.24 -41.66 -34.84
CA ILE B 131 40.25 -41.65 -33.77
C ILE B 131 40.34 -42.89 -32.90
N THR B 132 40.91 -43.99 -33.39
CA THR B 132 41.01 -45.19 -32.56
C THR B 132 42.15 -45.08 -31.56
N THR B 133 43.25 -44.41 -31.94
CA THR B 133 44.29 -44.12 -30.97
C THR B 133 43.77 -43.20 -29.87
N LEU B 134 43.13 -42.10 -30.26
CA LEU B 134 42.56 -41.17 -29.29
C LEU B 134 41.52 -41.85 -28.42
N HIS B 135 40.80 -42.83 -28.98
CA HIS B 135 39.83 -43.58 -28.18
C HIS B 135 40.54 -44.46 -27.16
N ASN B 136 41.50 -45.27 -27.60
CA ASN B 136 42.25 -46.11 -26.67
C ASN B 136 43.00 -45.27 -25.64
N LEU B 137 43.44 -44.07 -26.02
CA LEU B 137 44.14 -43.19 -25.09
C LEU B 137 43.19 -42.68 -24.01
N LEU B 138 41.95 -42.35 -24.38
CA LEU B 138 40.94 -41.85 -23.45
C LEU B 138 40.35 -42.93 -22.56
N LEU B 139 40.99 -44.10 -22.48
CA LEU B 139 40.51 -45.21 -21.66
C LEU B 139 41.54 -45.69 -20.67
N HIS B 140 42.79 -45.87 -21.08
CA HIS B 140 43.80 -46.52 -20.26
C HIS B 140 44.71 -45.51 -19.57
N GLN B 141 45.49 -44.75 -20.34
CA GLN B 141 46.43 -43.80 -19.76
C GLN B 141 45.66 -42.56 -19.31
N GLU B 142 45.58 -42.36 -18.00
CA GLU B 142 44.82 -41.25 -17.42
C GLU B 142 45.45 -39.91 -17.80
N GLY B 143 44.83 -38.83 -17.30
CA GLY B 143 45.22 -37.49 -17.70
C GLY B 143 44.85 -37.11 -19.11
N ALA B 144 44.42 -38.07 -19.94
CA ALA B 144 44.04 -37.76 -21.31
C ALA B 144 42.76 -36.94 -21.37
N LYS B 145 41.87 -37.15 -20.39
CA LYS B 145 40.57 -36.49 -20.39
C LYS B 145 40.70 -35.00 -20.62
N MET B 146 41.62 -34.36 -19.90
CA MET B 146 41.80 -32.92 -20.01
C MET B 146 42.65 -32.55 -21.22
N ALA B 147 43.54 -33.45 -21.66
CA ALA B 147 44.42 -33.14 -22.78
C ALA B 147 43.64 -32.90 -24.06
N VAL B 148 42.76 -33.85 -24.43
CA VAL B 148 41.88 -33.63 -25.57
C VAL B 148 40.92 -32.49 -25.28
N ARG B 149 40.54 -32.32 -24.01
CA ARG B 149 39.65 -31.23 -23.62
C ARG B 149 40.30 -29.88 -23.87
N LEU B 150 41.64 -29.80 -23.80
CA LEU B 150 42.36 -28.59 -24.17
C LEU B 150 42.75 -28.53 -25.63
N ALA B 151 42.74 -29.66 -26.34
CA ALA B 151 43.00 -29.70 -27.77
C ALA B 151 41.74 -29.46 -28.60
N GLY B 152 40.60 -29.22 -27.96
CA GLY B 152 39.38 -28.91 -28.67
C GLY B 152 38.85 -30.02 -29.54
N GLY B 153 39.09 -31.29 -29.17
CA GLY B 153 38.55 -32.40 -29.92
C GLY B 153 37.04 -32.41 -30.00
N LEU B 154 36.37 -31.70 -29.08
CA LEU B 154 34.92 -31.60 -29.12
C LEU B 154 34.45 -30.89 -30.38
N GLN B 155 35.11 -29.77 -30.72
CA GLN B 155 34.77 -29.04 -31.95
C GLN B 155 34.90 -29.95 -33.17
N LYS B 156 35.94 -30.77 -33.21
CA LYS B 156 36.18 -31.63 -34.36
C LYS B 156 35.27 -32.85 -34.37
N MET B 157 35.21 -33.57 -33.25
CA MET B 157 34.54 -34.87 -33.21
C MET B 157 33.08 -34.77 -33.61
N VAL B 158 32.37 -33.79 -33.04
CA VAL B 158 30.95 -33.64 -33.32
C VAL B 158 30.70 -33.53 -34.82
N ALA B 159 31.60 -32.85 -35.53
CA ALA B 159 31.45 -32.73 -36.98
C ALA B 159 31.72 -34.05 -37.69
N LEU B 160 32.63 -34.87 -37.14
CA LEU B 160 32.96 -36.14 -37.79
C LEU B 160 31.76 -37.07 -37.93
N LEU B 161 30.66 -36.79 -37.22
CA LEU B 161 29.48 -37.64 -37.26
C LEU B 161 28.78 -37.55 -38.62
N ASN B 162 29.34 -36.75 -39.52
CA ASN B 162 28.85 -36.72 -40.90
C ASN B 162 29.00 -38.07 -41.59
N LYS B 163 29.85 -38.95 -41.06
CA LYS B 163 30.25 -40.15 -41.78
C LYS B 163 29.11 -41.16 -41.83
N THR B 164 29.39 -42.29 -42.48
CA THR B 164 28.42 -43.36 -42.72
C THR B 164 28.78 -44.66 -42.03
N ASN B 165 30.07 -45.02 -42.00
CA ASN B 165 30.52 -46.28 -41.42
C ASN B 165 30.01 -46.43 -39.99
N VAL B 166 29.08 -47.37 -39.78
CA VAL B 166 28.50 -47.58 -38.47
C VAL B 166 29.54 -48.07 -37.48
N LYS B 167 30.61 -48.69 -37.96
CA LYS B 167 31.74 -49.10 -37.14
C LYS B 167 32.75 -47.97 -36.94
N PHE B 168 32.41 -46.75 -37.38
CA PHE B 168 33.20 -45.56 -37.12
C PHE B 168 32.60 -44.69 -36.02
N LEU B 169 31.29 -44.43 -36.10
CA LEU B 169 30.68 -43.54 -35.12
C LEU B 169 30.62 -44.17 -33.75
N ALA B 170 30.37 -45.49 -33.69
CA ALA B 170 30.37 -46.20 -32.41
C ALA B 170 31.72 -46.13 -31.72
N ILE B 171 32.74 -45.63 -32.42
CA ILE B 171 34.02 -45.30 -31.80
C ILE B 171 33.99 -43.83 -31.38
N THR B 172 33.70 -42.94 -32.34
CA THR B 172 33.71 -41.51 -32.06
C THR B 172 32.70 -41.14 -30.99
N THR B 173 31.48 -41.65 -31.11
CA THR B 173 30.46 -41.33 -30.11
C THR B 173 30.88 -41.83 -28.73
N ASP B 174 31.73 -42.85 -28.66
CA ASP B 174 32.26 -43.26 -27.38
C ASP B 174 33.38 -42.33 -26.92
N CYS B 175 34.08 -41.69 -27.86
CA CYS B 175 35.06 -40.68 -27.49
C CYS B 175 34.42 -39.42 -26.92
N LEU B 176 33.13 -39.19 -27.22
CA LEU B 176 32.45 -37.98 -26.77
C LEU B 176 31.89 -38.11 -25.36
N GLN B 177 31.36 -39.28 -25.01
CA GLN B 177 30.87 -39.51 -23.65
C GLN B 177 31.99 -39.33 -22.63
N ILE B 178 33.12 -40.03 -22.84
CA ILE B 178 34.20 -40.05 -21.87
C ILE B 178 34.77 -38.66 -21.62
N LEU B 179 34.45 -37.70 -22.50
CA LEU B 179 34.86 -36.32 -22.26
C LEU B 179 33.81 -35.52 -21.51
N ALA B 180 32.53 -35.87 -21.64
CA ALA B 180 31.45 -35.11 -21.01
C ALA B 180 31.21 -35.52 -19.56
N TYR B 181 31.35 -36.80 -19.23
CA TYR B 181 31.06 -37.28 -17.90
C TYR B 181 31.94 -36.59 -16.87
N GLY B 182 31.32 -36.00 -15.86
CA GLY B 182 32.01 -35.34 -14.75
C GLY B 182 32.30 -33.88 -14.99
N ASN B 183 32.60 -33.50 -16.23
CA ASN B 183 33.00 -32.15 -16.57
C ASN B 183 31.81 -31.38 -17.14
N GLN B 184 31.57 -30.19 -16.60
CA GLN B 184 30.48 -29.35 -17.09
C GLN B 184 30.85 -28.60 -18.35
N GLU B 185 32.11 -28.19 -18.48
CA GLU B 185 32.52 -27.32 -19.58
C GLU B 185 32.42 -28.03 -20.92
N SER B 186 32.97 -29.25 -21.00
CA SER B 186 32.94 -29.99 -22.26
C SER B 186 31.51 -30.21 -22.75
N LYS B 187 30.56 -30.34 -21.82
CA LYS B 187 29.15 -30.44 -22.20
C LYS B 187 28.70 -29.18 -22.93
N LEU B 188 28.87 -28.01 -22.31
CA LEU B 188 28.52 -26.71 -22.90
C LEU B 188 29.31 -26.39 -24.19
N ILE B 189 30.11 -27.33 -24.70
CA ILE B 189 30.74 -27.20 -26.01
C ILE B 189 30.02 -28.05 -27.04
N ILE B 190 29.62 -29.28 -26.66
CA ILE B 190 29.01 -30.20 -27.60
C ILE B 190 27.67 -29.68 -28.11
N LEU B 191 26.94 -28.92 -27.28
CA LEU B 191 25.70 -28.31 -27.75
C LEU B 191 25.96 -27.25 -28.81
N ALA B 192 27.07 -26.52 -28.70
CA ALA B 192 27.36 -25.45 -29.66
C ALA B 192 27.74 -26.01 -31.02
N SER B 193 28.37 -27.18 -31.06
CA SER B 193 28.81 -27.78 -32.31
C SER B 193 27.70 -28.51 -33.05
N GLY B 194 26.44 -28.34 -32.67
CA GLY B 194 25.37 -29.01 -33.36
C GLY B 194 25.22 -30.47 -33.01
N GLY B 195 25.83 -30.90 -31.91
CA GLY B 195 25.83 -32.27 -31.48
C GLY B 195 24.46 -32.91 -31.44
N PRO B 196 23.57 -32.41 -30.55
CA PRO B 196 22.26 -33.02 -30.35
C PRO B 196 21.56 -33.49 -31.62
N GLN B 197 21.31 -32.59 -32.57
CA GLN B 197 20.66 -32.99 -33.81
C GLN B 197 21.46 -34.07 -34.53
N ALA B 198 22.76 -33.83 -34.74
CA ALA B 198 23.60 -34.86 -35.34
C ALA B 198 23.60 -36.15 -34.52
N LEU B 199 23.45 -36.02 -33.19
CA LEU B 199 23.32 -37.21 -32.36
C LEU B 199 21.94 -37.85 -32.48
N VAL B 200 20.90 -37.03 -32.66
CA VAL B 200 19.55 -37.54 -32.73
C VAL B 200 19.33 -38.35 -34.00
N ASN B 201 19.87 -37.87 -35.13
CA ASN B 201 19.72 -38.58 -36.40
C ASN B 201 20.27 -40.01 -36.35
N ILE B 202 21.23 -40.27 -35.46
CA ILE B 202 21.80 -41.61 -35.35
C ILE B 202 20.88 -42.57 -34.60
N MET B 203 19.99 -42.05 -33.77
CA MET B 203 18.93 -42.84 -33.14
C MET B 203 17.71 -42.98 -34.04
N ARG B 204 17.81 -42.55 -35.30
CA ARG B 204 16.70 -42.57 -36.22
C ARG B 204 17.00 -43.31 -37.53
N THR B 205 18.22 -43.78 -37.72
CA THR B 205 18.61 -44.38 -38.99
C THR B 205 19.48 -45.62 -38.86
N TYR B 206 19.82 -46.06 -37.66
CA TYR B 206 20.76 -47.15 -37.46
C TYR B 206 20.10 -48.21 -36.58
N THR B 207 20.58 -49.45 -36.70
CA THR B 207 20.17 -50.47 -35.76
C THR B 207 21.31 -51.31 -35.24
N TYR B 208 22.53 -51.17 -35.76
CA TYR B 208 23.71 -51.73 -35.13
C TYR B 208 23.77 -51.30 -33.67
N GLU B 209 23.80 -52.28 -32.77
CA GLU B 209 23.46 -52.04 -31.37
C GLU B 209 24.43 -51.07 -30.71
N LYS B 210 25.73 -51.40 -30.73
CA LYS B 210 26.70 -50.65 -29.93
C LYS B 210 26.75 -49.16 -30.30
N LEU B 211 26.34 -48.80 -31.52
CA LEU B 211 26.22 -47.38 -31.83
C LEU B 211 24.95 -46.80 -31.21
N LEU B 212 23.81 -47.46 -31.42
CA LEU B 212 22.57 -47.03 -30.80
C LEU B 212 22.65 -46.98 -29.28
N TRP B 213 23.54 -47.78 -28.69
CA TRP B 213 23.79 -47.71 -27.25
C TRP B 213 24.65 -46.49 -26.92
N THR B 214 25.90 -46.50 -27.39
CA THR B 214 26.86 -45.47 -27.03
C THR B 214 26.31 -44.07 -27.30
N THR B 215 25.65 -43.87 -28.44
CA THR B 215 25.05 -42.58 -28.75
C THR B 215 24.00 -42.21 -27.71
N SER B 216 23.16 -43.18 -27.32
CA SER B 216 22.19 -42.93 -26.26
C SER B 216 22.88 -42.52 -24.96
N ARG B 217 24.00 -43.18 -24.65
CA ARG B 217 24.72 -42.87 -23.42
C ARG B 217 25.18 -41.41 -23.41
N VAL B 218 25.73 -40.95 -24.53
CA VAL B 218 26.15 -39.55 -24.63
C VAL B 218 24.96 -38.63 -24.46
N LEU B 219 23.81 -39.01 -25.01
CA LEU B 219 22.62 -38.18 -24.86
C LEU B 219 22.13 -38.18 -23.41
N LYS B 220 22.38 -39.26 -22.67
CA LYS B 220 22.05 -39.27 -21.26
C LYS B 220 22.91 -38.28 -20.48
N VAL B 221 24.22 -38.28 -20.77
CA VAL B 221 25.15 -37.42 -20.03
C VAL B 221 24.83 -35.95 -20.29
N LEU B 222 24.59 -35.60 -21.57
CA LEU B 222 24.35 -34.22 -21.95
C LEU B 222 23.05 -33.65 -21.39
N SER B 223 22.24 -34.46 -20.71
CA SER B 223 20.90 -34.07 -20.32
C SER B 223 20.69 -34.14 -18.81
N VAL B 224 21.72 -33.84 -18.02
CA VAL B 224 21.66 -33.96 -16.57
C VAL B 224 21.56 -32.59 -15.91
N CYS B 225 22.27 -31.59 -16.42
CA CYS B 225 22.15 -30.23 -15.91
C CYS B 225 20.85 -29.61 -16.44
N SER B 226 20.67 -28.31 -16.20
CA SER B 226 19.44 -27.63 -16.58
C SER B 226 19.54 -26.88 -17.90
N SER B 227 20.68 -26.23 -18.16
CA SER B 227 20.81 -25.45 -19.38
C SER B 227 20.82 -26.35 -20.62
N ASN B 228 21.53 -27.48 -20.54
CA ASN B 228 21.72 -28.37 -21.69
C ASN B 228 20.59 -29.38 -21.82
N LYS B 229 19.35 -28.90 -21.77
CA LYS B 229 18.20 -29.76 -22.03
C LYS B 229 17.45 -29.35 -23.29
N PRO B 230 16.96 -28.10 -23.42
CA PRO B 230 16.04 -27.79 -24.52
C PRO B 230 16.65 -27.99 -25.90
N ALA B 231 17.97 -27.87 -26.04
CA ALA B 231 18.60 -28.13 -27.31
C ALA B 231 18.42 -29.58 -27.74
N ILE B 232 18.35 -30.50 -26.78
CA ILE B 232 18.07 -31.89 -27.09
C ILE B 232 16.59 -32.07 -27.41
N VAL B 233 15.71 -31.47 -26.60
CA VAL B 233 14.27 -31.58 -26.77
C VAL B 233 13.86 -30.98 -28.11
N GLU B 234 13.90 -29.65 -28.20
CA GLU B 234 13.48 -28.96 -29.42
C GLU B 234 14.46 -29.20 -30.55
N ALA B 235 14.55 -30.45 -31.01
CA ALA B 235 15.44 -30.85 -32.09
C ALA B 235 14.99 -32.19 -32.66
N GLY B 236 13.82 -32.66 -32.23
CA GLY B 236 13.35 -33.97 -32.62
C GLY B 236 13.93 -35.11 -31.82
N GLY B 237 14.58 -34.83 -30.69
CA GLY B 237 15.24 -35.85 -29.90
C GLY B 237 14.30 -36.84 -29.25
N MET B 238 13.37 -36.33 -28.44
CA MET B 238 12.48 -37.21 -27.68
C MET B 238 11.58 -38.04 -28.59
N GLN B 239 11.10 -37.44 -29.69
CA GLN B 239 10.27 -38.17 -30.63
C GLN B 239 11.05 -39.25 -31.37
N ALA B 240 12.38 -39.14 -31.42
CA ALA B 240 13.24 -40.17 -31.99
C ALA B 240 13.81 -41.11 -30.93
N LEU B 241 13.99 -40.64 -29.70
CA LEU B 241 14.41 -41.54 -28.63
C LEU B 241 13.35 -42.60 -28.38
N GLY B 242 12.08 -42.22 -28.46
CA GLY B 242 10.99 -43.16 -28.20
C GLY B 242 10.90 -44.32 -29.18
N LEU B 243 11.71 -44.32 -30.23
CA LEU B 243 11.65 -45.41 -31.21
C LEU B 243 12.25 -46.70 -30.67
N HIS B 244 13.06 -46.64 -29.62
CA HIS B 244 13.76 -47.81 -29.13
C HIS B 244 13.42 -48.13 -27.67
N LEU B 245 12.18 -47.85 -27.27
CA LEU B 245 11.69 -48.36 -26.00
C LEU B 245 11.19 -49.79 -26.13
N THR B 246 10.77 -50.20 -27.32
CA THR B 246 10.27 -51.54 -27.57
C THR B 246 11.32 -52.34 -28.35
N ASP B 247 12.55 -52.41 -27.82
CA ASP B 247 13.63 -53.03 -28.54
C ASP B 247 14.21 -54.21 -27.78
N PRO B 248 14.72 -55.22 -28.48
CA PRO B 248 15.22 -56.42 -27.81
C PRO B 248 16.57 -56.24 -27.14
N SER B 249 16.94 -54.99 -26.86
CA SER B 249 18.19 -54.66 -26.18
C SER B 249 17.84 -53.94 -24.89
N GLN B 250 17.49 -54.71 -23.86
CA GLN B 250 17.18 -54.11 -22.57
C GLN B 250 18.35 -53.32 -22.00
N ARG B 251 19.58 -53.62 -22.43
CA ARG B 251 20.70 -52.78 -22.03
C ARG B 251 20.66 -51.42 -22.70
N LEU B 252 19.90 -51.27 -23.79
CA LEU B 252 19.67 -49.97 -24.39
C LEU B 252 18.38 -49.33 -23.91
N VAL B 253 17.37 -50.14 -23.59
CA VAL B 253 16.10 -49.61 -23.09
C VAL B 253 16.34 -48.80 -21.83
N GLN B 254 17.12 -49.34 -20.89
CA GLN B 254 17.39 -48.64 -19.64
C GLN B 254 18.49 -47.59 -19.80
N ASN B 255 18.67 -47.09 -21.03
CA ASN B 255 19.55 -45.97 -21.29
C ASN B 255 18.79 -44.89 -22.06
N CYS B 256 18.16 -45.31 -23.16
CA CYS B 256 17.27 -44.43 -23.90
C CYS B 256 16.04 -44.04 -23.08
N LEU B 257 15.80 -44.71 -21.95
CA LEU B 257 14.72 -44.36 -21.04
C LEU B 257 15.09 -43.17 -20.17
N TRP B 258 15.97 -43.40 -19.19
CA TRP B 258 16.42 -42.41 -18.22
C TRP B 258 16.61 -41.04 -18.86
N THR B 259 17.16 -41.05 -20.09
CA THR B 259 17.28 -39.82 -20.87
C THR B 259 15.96 -39.06 -20.92
N LEU B 260 14.88 -39.75 -21.29
CA LEU B 260 13.60 -39.08 -21.48
C LEU B 260 13.05 -38.54 -20.17
N ARG B 261 13.17 -39.32 -19.10
CA ARG B 261 12.69 -38.86 -17.79
C ARG B 261 13.43 -37.60 -17.36
N ASN B 262 14.73 -37.52 -17.65
CA ASN B 262 15.49 -36.31 -17.34
C ASN B 262 14.98 -35.13 -18.17
N LEU B 263 14.76 -35.35 -19.46
CA LEU B 263 14.32 -34.28 -20.35
C LEU B 263 12.92 -33.78 -20.05
N SER B 264 12.10 -34.58 -19.37
CA SER B 264 10.72 -34.20 -19.10
C SER B 264 10.65 -33.08 -18.06
N ASP B 265 11.07 -31.88 -18.43
CA ASP B 265 11.01 -30.72 -17.53
C ASP B 265 10.87 -29.44 -18.34
N ALA B 266 11.43 -29.42 -19.54
CA ALA B 266 11.26 -28.31 -20.47
C ALA B 266 10.45 -28.69 -21.70
N ALA B 267 10.19 -29.97 -21.92
CA ALA B 267 9.39 -30.46 -23.04
C ALA B 267 7.90 -30.31 -22.81
N THR B 268 7.49 -29.64 -21.74
CA THR B 268 6.08 -29.50 -21.40
C THR B 268 5.43 -28.43 -22.27
N LYS B 269 5.91 -28.27 -23.50
CA LYS B 269 5.44 -27.19 -24.38
C LYS B 269 5.48 -27.57 -25.85
N GLN B 270 6.07 -28.72 -26.20
CA GLN B 270 6.38 -29.01 -27.58
C GLN B 270 5.28 -29.82 -28.26
N GLU B 271 5.08 -29.53 -29.55
CA GLU B 271 4.12 -30.22 -30.39
C GLU B 271 4.76 -31.44 -31.05
N GLY B 272 3.96 -32.21 -31.79
CA GLY B 272 4.44 -33.42 -32.42
C GLY B 272 4.93 -34.43 -31.40
N MET B 273 4.00 -34.99 -30.61
CA MET B 273 4.36 -35.86 -29.49
C MET B 273 3.51 -37.13 -29.45
N GLU B 274 2.94 -37.54 -30.57
CA GLU B 274 1.98 -38.64 -30.57
C GLU B 274 2.61 -39.97 -30.17
N GLY B 275 3.38 -40.57 -31.08
CA GLY B 275 3.92 -41.90 -30.83
C GLY B 275 4.70 -42.01 -29.53
N LEU B 276 5.33 -40.92 -29.09
CA LEU B 276 6.00 -40.94 -27.79
C LEU B 276 4.98 -41.06 -26.66
N LEU B 277 3.89 -40.29 -26.73
CA LEU B 277 2.79 -40.50 -25.79
C LEU B 277 2.16 -41.88 -25.97
N GLY B 278 2.25 -42.44 -27.18
CA GLY B 278 1.72 -43.75 -27.45
C GLY B 278 2.55 -44.87 -26.87
N THR B 279 3.76 -45.07 -27.41
CA THR B 279 4.61 -46.18 -26.98
C THR B 279 4.80 -46.22 -25.46
N LEU B 280 4.70 -45.07 -24.80
CA LEU B 280 4.80 -45.04 -23.35
C LEU B 280 3.65 -45.82 -22.71
N VAL B 281 2.42 -45.56 -23.13
CA VAL B 281 1.28 -46.27 -22.55
C VAL B 281 1.29 -47.74 -22.93
N GLN B 282 1.97 -48.10 -24.02
CA GLN B 282 2.14 -49.51 -24.35
C GLN B 282 3.11 -50.19 -23.39
N LEU B 283 4.05 -49.43 -22.82
CA LEU B 283 5.08 -49.98 -21.96
C LEU B 283 4.59 -50.28 -20.55
N LEU B 284 3.32 -50.03 -20.25
CA LEU B 284 2.86 -50.20 -18.88
C LEU B 284 2.37 -51.63 -18.67
N GLY B 285 2.95 -52.56 -19.43
CA GLY B 285 2.66 -53.97 -19.25
C GLY B 285 3.91 -54.77 -19.52
N SER B 286 4.93 -54.11 -20.07
CA SER B 286 6.23 -54.73 -20.32
C SER B 286 6.79 -55.33 -19.04
N ASP B 287 6.47 -56.61 -18.79
CA ASP B 287 6.83 -57.33 -17.57
C ASP B 287 8.23 -57.02 -17.07
N ASP B 288 8.39 -55.83 -16.48
CA ASP B 288 9.68 -55.37 -15.98
C ASP B 288 9.44 -54.16 -15.08
N ILE B 289 9.76 -54.30 -13.79
CA ILE B 289 9.44 -53.26 -12.81
C ILE B 289 10.03 -51.92 -13.22
N ASN B 290 11.27 -51.94 -13.72
CA ASN B 290 11.96 -50.70 -14.03
C ASN B 290 11.33 -49.99 -15.23
N VAL B 291 10.97 -50.75 -16.27
CA VAL B 291 10.33 -50.14 -17.43
C VAL B 291 8.95 -49.62 -17.06
N VAL B 292 8.30 -50.24 -16.07
CA VAL B 292 7.04 -49.71 -15.56
C VAL B 292 7.26 -48.39 -14.84
N THR B 293 8.30 -48.33 -14.00
CA THR B 293 8.54 -47.16 -13.17
C THR B 293 8.89 -45.94 -14.01
N CYS B 294 9.99 -46.02 -14.78
CA CYS B 294 10.48 -44.87 -15.51
C CYS B 294 9.46 -44.36 -16.51
N ALA B 295 8.78 -45.26 -17.23
CA ALA B 295 7.78 -44.85 -18.18
C ALA B 295 6.60 -44.15 -17.53
N ALA B 296 6.37 -44.40 -16.24
CA ALA B 296 5.35 -43.67 -15.48
C ALA B 296 5.85 -42.34 -14.94
N GLY B 297 7.16 -42.14 -14.87
CA GLY B 297 7.73 -40.88 -14.41
C GLY B 297 7.70 -39.81 -15.48
N ILE B 298 7.91 -40.21 -16.73
CA ILE B 298 7.82 -39.26 -17.84
C ILE B 298 6.42 -38.66 -17.91
N LEU B 299 5.40 -39.51 -17.81
CA LEU B 299 4.03 -39.03 -17.86
C LEU B 299 3.68 -38.21 -16.63
N SER B 300 4.30 -38.50 -15.48
CA SER B 300 4.13 -37.67 -14.31
C SER B 300 4.72 -36.28 -14.49
N ASN B 301 5.60 -36.10 -15.48
CA ASN B 301 6.26 -34.82 -15.74
C ASN B 301 5.85 -34.18 -17.05
N LEU B 302 5.62 -34.98 -18.11
CA LEU B 302 5.14 -34.44 -19.37
C LEU B 302 3.72 -33.88 -19.28
N THR B 303 3.08 -34.00 -18.11
CA THR B 303 1.67 -33.65 -17.95
C THR B 303 1.43 -32.45 -17.06
N CYS B 304 2.33 -32.14 -16.13
CA CYS B 304 2.12 -31.05 -15.18
C CYS B 304 1.92 -29.73 -15.91
N ASN B 305 0.65 -29.35 -16.09
CA ASN B 305 0.25 -28.11 -16.75
C ASN B 305 0.64 -28.11 -18.23
N ASN B 306 0.21 -29.15 -18.94
CA ASN B 306 0.27 -29.21 -20.40
C ASN B 306 -1.12 -29.64 -20.86
N TYR B 307 -1.99 -28.65 -21.10
CA TYR B 307 -3.39 -28.92 -21.40
C TYR B 307 -3.56 -29.86 -22.60
N LYS B 308 -2.61 -29.86 -23.53
CA LYS B 308 -2.76 -30.66 -24.74
C LYS B 308 -2.25 -32.08 -24.58
N ASN B 309 -1.09 -32.28 -23.96
CA ASN B 309 -0.62 -33.64 -23.69
C ASN B 309 -1.61 -34.42 -22.84
N LYS B 310 -2.33 -33.73 -21.96
CA LYS B 310 -3.38 -34.39 -21.18
C LYS B 310 -4.46 -34.97 -22.08
N MET B 311 -4.85 -34.23 -23.13
CA MET B 311 -5.94 -34.67 -23.98
C MET B 311 -5.56 -35.92 -24.77
N MET B 312 -4.38 -35.92 -25.39
CA MET B 312 -3.98 -37.05 -26.22
C MET B 312 -3.81 -38.32 -25.40
N VAL B 313 -3.38 -38.19 -24.14
CA VAL B 313 -3.13 -39.37 -23.31
C VAL B 313 -4.44 -40.09 -23.00
N CYS B 314 -5.46 -39.36 -22.57
CA CYS B 314 -6.69 -39.99 -22.12
C CYS B 314 -7.33 -40.84 -23.21
N GLN B 315 -7.19 -40.45 -24.47
CA GLN B 315 -7.83 -41.18 -25.56
C GLN B 315 -6.95 -42.25 -26.20
N VAL B 316 -5.69 -42.39 -25.77
CA VAL B 316 -4.87 -43.51 -26.22
C VAL B 316 -4.89 -44.56 -25.12
N GLY B 317 -5.87 -44.43 -24.24
CA GLY B 317 -6.06 -45.37 -23.16
C GLY B 317 -5.20 -45.04 -21.97
N GLY B 318 -5.32 -43.81 -21.47
CA GLY B 318 -4.52 -43.35 -20.37
C GLY B 318 -4.84 -44.05 -19.07
N ILE B 319 -6.00 -43.73 -18.49
CA ILE B 319 -6.41 -44.36 -17.22
C ILE B 319 -6.51 -45.87 -17.38
N GLU B 320 -6.74 -46.34 -18.60
CA GLU B 320 -6.85 -47.76 -18.92
C GLU B 320 -5.74 -48.60 -18.28
N ALA B 321 -4.49 -48.31 -18.62
CA ALA B 321 -3.35 -49.02 -18.05
C ALA B 321 -2.71 -48.30 -16.88
N LEU B 322 -3.12 -47.06 -16.59
CA LEU B 322 -2.51 -46.32 -15.50
C LEU B 322 -2.91 -46.90 -14.15
N VAL B 323 -4.22 -47.06 -13.90
CA VAL B 323 -4.67 -47.67 -12.65
C VAL B 323 -4.15 -49.09 -12.54
N ARG B 324 -4.30 -49.87 -13.61
CA ARG B 324 -3.76 -51.22 -13.71
C ARG B 324 -2.34 -51.29 -13.14
N THR B 325 -1.51 -50.32 -13.50
CA THR B 325 -0.15 -50.25 -12.97
C THR B 325 -0.14 -50.08 -11.46
N VAL B 326 -0.99 -49.18 -10.95
CA VAL B 326 -1.01 -48.91 -9.51
C VAL B 326 -1.49 -50.11 -8.71
N LEU B 327 -2.26 -51.01 -9.34
CA LEU B 327 -2.63 -52.25 -8.66
C LEU B 327 -1.41 -53.15 -8.44
N ARG B 328 -0.64 -53.39 -9.50
CA ARG B 328 0.45 -54.35 -9.47
C ARG B 328 1.47 -53.99 -8.40
N ALA B 329 1.87 -52.71 -8.35
CA ALA B 329 2.97 -52.31 -7.48
C ALA B 329 2.63 -52.50 -6.01
N GLY B 330 1.34 -52.48 -5.67
CA GLY B 330 0.91 -52.67 -4.29
C GLY B 330 1.38 -51.58 -3.36
N ASP B 331 2.50 -51.81 -2.67
CA ASP B 331 3.05 -50.85 -1.73
C ASP B 331 4.36 -50.24 -2.19
N ARG B 332 4.94 -50.73 -3.29
CA ARG B 332 6.21 -50.21 -3.77
C ARG B 332 6.05 -48.78 -4.27
N GLU B 333 6.23 -47.81 -3.37
CA GLU B 333 6.08 -46.39 -3.72
C GLU B 333 7.05 -45.95 -4.81
N ASP B 334 8.05 -46.78 -5.14
CA ASP B 334 8.89 -46.52 -6.30
C ASP B 334 8.05 -46.39 -7.57
N ILE B 335 6.93 -47.12 -7.64
CA ILE B 335 6.04 -47.04 -8.79
C ILE B 335 4.80 -46.24 -8.43
N THR B 336 4.35 -46.35 -7.17
CA THR B 336 3.06 -45.78 -6.78
C THR B 336 3.10 -44.26 -6.78
N GLU B 337 4.18 -43.67 -6.27
CA GLU B 337 4.29 -42.21 -6.26
C GLU B 337 4.31 -41.61 -7.66
N PRO B 338 5.15 -42.05 -8.59
CA PRO B 338 5.10 -41.49 -9.95
C PRO B 338 3.94 -41.99 -10.79
N ALA B 339 3.08 -42.86 -10.26
CA ALA B 339 1.84 -43.24 -10.93
C ALA B 339 0.65 -42.41 -10.47
N ILE B 340 0.53 -42.17 -9.16
CA ILE B 340 -0.53 -41.30 -8.66
C ILE B 340 -0.32 -39.88 -9.15
N CYS B 341 0.89 -39.35 -8.97
CA CYS B 341 1.21 -37.99 -9.39
C CYS B 341 1.04 -37.79 -10.89
N ALA B 342 0.89 -38.86 -11.66
CA ALA B 342 0.45 -38.73 -13.03
C ALA B 342 -1.07 -38.57 -13.11
N LEU B 343 -1.80 -39.39 -12.36
CA LEU B 343 -3.26 -39.31 -12.36
C LEU B 343 -3.75 -37.96 -11.84
N ARG B 344 -3.01 -37.34 -10.94
CA ARG B 344 -3.42 -36.05 -10.40
C ARG B 344 -3.41 -34.97 -11.48
N HIS B 345 -2.53 -35.10 -12.48
CA HIS B 345 -2.43 -34.09 -13.53
C HIS B 345 -3.51 -34.29 -14.59
N LEU B 346 -3.68 -35.52 -15.07
CA LEU B 346 -4.70 -35.82 -16.07
C LEU B 346 -6.11 -35.57 -15.57
N THR B 347 -6.29 -35.24 -14.30
CA THR B 347 -7.61 -35.15 -13.68
C THR B 347 -8.18 -33.74 -13.64
N SER B 348 -7.33 -32.72 -13.56
CA SER B 348 -7.76 -31.36 -13.28
C SER B 348 -7.42 -30.41 -14.43
N ARG B 349 -8.35 -29.51 -14.73
CA ARG B 349 -8.13 -28.34 -15.58
C ARG B 349 -7.70 -28.68 -17.00
N HIS B 350 -8.65 -29.02 -17.85
CA HIS B 350 -8.49 -29.10 -19.30
C HIS B 350 -9.84 -29.46 -19.91
N GLN B 351 -9.99 -29.17 -21.20
CA GLN B 351 -11.26 -29.33 -21.91
C GLN B 351 -11.65 -30.79 -22.11
N GLU B 352 -11.39 -31.64 -21.11
CA GLU B 352 -11.66 -33.06 -21.23
C GLU B 352 -11.57 -33.74 -19.87
N ALA B 353 -11.33 -32.96 -18.82
CA ALA B 353 -11.14 -33.53 -17.49
C ALA B 353 -12.45 -33.97 -16.85
N GLU B 354 -13.55 -33.26 -17.12
CA GLU B 354 -14.84 -33.62 -16.55
C GLU B 354 -15.22 -35.06 -16.88
N MET B 355 -14.78 -35.56 -18.04
CA MET B 355 -15.04 -36.93 -18.45
C MET B 355 -13.97 -37.90 -17.96
N ALA B 356 -12.73 -37.42 -17.82
CA ALA B 356 -11.63 -38.32 -17.46
C ALA B 356 -11.83 -38.92 -16.08
N GLN B 357 -12.36 -38.14 -15.14
CA GLN B 357 -12.62 -38.65 -13.79
C GLN B 357 -13.58 -39.82 -13.78
N ASN B 358 -14.44 -39.94 -14.80
CA ASN B 358 -15.32 -41.09 -14.91
C ASN B 358 -14.52 -42.38 -15.12
N ALA B 359 -13.55 -42.33 -16.04
CA ALA B 359 -12.79 -43.54 -16.38
C ALA B 359 -12.03 -44.10 -15.18
N VAL B 360 -11.70 -43.25 -14.21
CA VAL B 360 -11.06 -43.74 -12.99
C VAL B 360 -11.97 -44.72 -12.27
N ARG B 361 -13.29 -44.50 -12.34
CA ARG B 361 -14.27 -45.37 -11.72
C ARG B 361 -14.64 -46.56 -12.62
N LEU B 362 -14.86 -46.31 -13.92
CA LEU B 362 -15.27 -47.37 -14.83
C LEU B 362 -14.19 -48.43 -15.03
N HIS B 363 -12.96 -48.18 -14.57
CA HIS B 363 -11.89 -49.16 -14.65
C HIS B 363 -11.49 -49.69 -13.28
N TYR B 364 -12.39 -49.61 -12.30
CA TYR B 364 -12.19 -50.17 -10.96
C TYR B 364 -10.91 -49.63 -10.34
N GLY B 365 -10.90 -48.32 -10.12
CA GLY B 365 -9.72 -47.65 -9.59
C GLY B 365 -9.97 -46.93 -8.28
N LEU B 366 -11.23 -46.59 -8.01
CA LEU B 366 -11.56 -45.95 -6.74
C LEU B 366 -11.13 -46.78 -5.52
N PRO B 367 -11.25 -48.12 -5.50
CA PRO B 367 -10.72 -48.87 -4.35
C PRO B 367 -9.23 -48.68 -4.12
N VAL B 368 -8.42 -49.05 -5.12
CA VAL B 368 -6.96 -49.04 -4.95
C VAL B 368 -6.47 -47.64 -4.60
N VAL B 369 -7.10 -46.62 -5.17
CA VAL B 369 -6.71 -45.24 -4.86
C VAL B 369 -6.92 -44.94 -3.38
N VAL B 370 -8.07 -45.34 -2.84
CA VAL B 370 -8.31 -45.15 -1.41
C VAL B 370 -7.51 -46.13 -0.58
N LYS B 371 -7.15 -47.29 -1.16
CA LYS B 371 -6.30 -48.23 -0.44
C LYS B 371 -4.93 -47.63 -0.14
N LEU B 372 -4.41 -46.82 -1.07
CA LEU B 372 -3.09 -46.21 -0.87
C LEU B 372 -3.14 -45.05 0.12
N LEU B 373 -4.32 -44.55 0.45
CA LEU B 373 -4.43 -43.57 1.53
C LEU B 373 -4.07 -44.19 2.87
N HIS B 374 -4.13 -45.53 2.99
CA HIS B 374 -3.85 -46.37 4.14
C HIS B 374 -2.40 -46.84 4.12
N PRO B 375 -1.82 -47.11 5.29
CA PRO B 375 -0.46 -47.66 5.34
C PRO B 375 -0.42 -49.05 4.72
N PRO B 376 0.78 -49.57 4.40
CA PRO B 376 2.11 -48.98 4.58
C PRO B 376 2.51 -48.03 3.45
N SER B 377 2.23 -46.74 3.62
CA SER B 377 2.55 -45.73 2.63
C SER B 377 3.17 -44.52 3.31
N HIS B 378 4.05 -43.83 2.58
CA HIS B 378 4.76 -42.68 3.10
C HIS B 378 4.21 -41.40 2.48
N TRP B 379 4.64 -40.27 3.05
CA TRP B 379 4.06 -38.98 2.69
C TRP B 379 4.20 -38.61 1.22
N PRO B 380 5.32 -38.85 0.53
CA PRO B 380 5.35 -38.55 -0.91
C PRO B 380 4.31 -39.33 -1.71
N LEU B 381 3.88 -40.48 -1.21
CA LEU B 381 2.74 -41.15 -1.82
C LEU B 381 1.41 -40.57 -1.35
N ILE B 382 1.35 -40.12 -0.09
CA ILE B 382 0.10 -39.59 0.45
C ILE B 382 -0.16 -38.17 -0.08
N LYS B 383 0.88 -37.33 -0.11
CA LYS B 383 0.71 -35.97 -0.63
C LYS B 383 0.14 -35.99 -2.03
N ALA B 384 0.58 -36.93 -2.86
CA ALA B 384 0.03 -37.07 -4.21
C ALA B 384 -1.34 -37.74 -4.18
N THR B 385 -1.51 -38.77 -3.35
CA THR B 385 -2.78 -39.50 -3.30
C THR B 385 -3.91 -38.58 -2.86
N VAL B 386 -3.67 -37.77 -1.82
CA VAL B 386 -4.70 -36.82 -1.38
C VAL B 386 -4.96 -35.79 -2.47
N GLY B 387 -3.89 -35.31 -3.13
CA GLY B 387 -4.08 -34.38 -4.22
C GLY B 387 -4.92 -34.95 -5.35
N LEU B 388 -4.80 -36.27 -5.58
CA LEU B 388 -5.67 -36.92 -6.55
C LEU B 388 -7.12 -36.93 -6.10
N ILE B 389 -7.34 -36.95 -4.78
CA ILE B 389 -8.71 -36.98 -4.26
C ILE B 389 -9.40 -35.63 -4.47
N ARG B 390 -8.69 -34.53 -4.17
CA ARG B 390 -9.29 -33.21 -4.30
C ARG B 390 -9.77 -32.96 -5.72
N ASN B 391 -9.06 -33.49 -6.71
CA ASN B 391 -9.46 -33.34 -8.11
C ASN B 391 -10.48 -34.39 -8.53
N LEU B 392 -10.55 -35.52 -7.82
CA LEU B 392 -11.45 -36.60 -8.20
C LEU B 392 -12.87 -36.40 -7.66
N ALA B 393 -13.09 -35.37 -6.84
CA ALA B 393 -14.38 -35.15 -6.20
C ALA B 393 -15.32 -34.30 -7.05
N LEU B 394 -14.93 -33.91 -8.26
CA LEU B 394 -15.78 -33.11 -9.12
C LEU B 394 -16.98 -33.91 -9.58
N CYS B 395 -16.73 -34.94 -10.39
CA CYS B 395 -17.77 -35.84 -10.90
C CYS B 395 -18.63 -36.35 -9.75
N PRO B 396 -19.89 -35.91 -9.66
CA PRO B 396 -20.71 -36.27 -8.50
C PRO B 396 -20.95 -37.77 -8.38
N ALA B 397 -20.76 -38.54 -9.45
CA ALA B 397 -20.83 -39.99 -9.39
C ALA B 397 -19.59 -40.62 -8.80
N ASN B 398 -18.81 -39.84 -8.04
CA ASN B 398 -17.65 -40.36 -7.32
C ASN B 398 -17.76 -40.22 -5.81
N HIS B 399 -18.68 -39.38 -5.31
CA HIS B 399 -18.92 -39.32 -3.86
C HIS B 399 -19.40 -40.65 -3.33
N ALA B 400 -20.55 -41.11 -3.83
CA ALA B 400 -21.19 -42.32 -3.30
C ALA B 400 -20.29 -43.54 -3.26
N PRO B 401 -19.47 -43.85 -4.28
CA PRO B 401 -18.55 -44.98 -4.11
C PRO B 401 -17.49 -44.71 -3.05
N LEU B 402 -16.95 -43.50 -2.99
CA LEU B 402 -15.80 -43.24 -2.12
C LEU B 402 -16.17 -43.29 -0.64
N ARG B 403 -17.41 -42.95 -0.28
CA ARG B 403 -17.79 -42.99 1.13
C ARG B 403 -17.66 -44.41 1.69
N GLU B 404 -18.24 -45.38 0.99
CA GLU B 404 -18.15 -46.78 1.40
C GLU B 404 -16.80 -47.40 1.04
N GLN B 405 -15.76 -46.58 0.85
CA GLN B 405 -14.39 -47.07 0.72
C GLN B 405 -13.51 -46.61 1.87
N GLY B 406 -14.08 -45.96 2.89
CA GLY B 406 -13.32 -45.53 4.04
C GLY B 406 -12.56 -44.25 3.86
N ALA B 407 -12.83 -43.49 2.78
CA ALA B 407 -12.05 -42.30 2.50
C ALA B 407 -12.30 -41.21 3.54
N ILE B 408 -13.57 -40.84 3.75
CA ILE B 408 -13.88 -39.73 4.65
C ILE B 408 -13.34 -39.95 6.06
N PRO B 409 -13.50 -41.14 6.68
CA PRO B 409 -12.85 -41.33 7.98
C PRO B 409 -11.33 -41.24 7.92
N ARG B 410 -10.70 -41.88 6.92
CA ARG B 410 -9.25 -41.80 6.80
C ARG B 410 -8.81 -40.38 6.45
N LEU B 411 -9.53 -39.71 5.54
CA LEU B 411 -9.16 -38.34 5.18
C LEU B 411 -9.13 -37.42 6.38
N VAL B 412 -9.90 -37.74 7.42
CA VAL B 412 -9.81 -37.04 8.69
C VAL B 412 -8.58 -37.51 9.45
N GLN B 413 -8.61 -38.76 9.89
CA GLN B 413 -7.58 -39.36 10.75
C GLN B 413 -6.17 -38.84 10.49
N LEU B 414 -5.83 -38.62 9.22
CA LEU B 414 -4.55 -38.00 8.91
C LEU B 414 -4.50 -36.55 9.38
N LEU B 415 -5.54 -35.78 9.02
CA LEU B 415 -5.57 -34.33 9.26
C LEU B 415 -5.13 -33.95 10.67
N VAL B 416 -5.65 -34.64 11.68
CA VAL B 416 -5.23 -34.37 13.06
C VAL B 416 -3.77 -34.76 13.25
N ARG B 417 -3.41 -35.97 12.83
CA ARG B 417 -2.01 -36.39 12.90
C ARG B 417 -1.14 -35.57 11.96
N ALA B 418 -1.70 -35.10 10.84
CA ALA B 418 -0.93 -34.31 9.88
C ALA B 418 -0.68 -32.88 10.38
N HIS B 419 -1.63 -32.31 11.12
CA HIS B 419 -1.49 -30.93 11.56
C HIS B 419 -0.87 -30.78 12.94
N GLN B 420 -1.04 -31.78 13.81
CA GLN B 420 -0.60 -31.66 15.20
C GLN B 420 0.85 -31.22 15.34
N ASP B 421 1.63 -31.29 14.26
CA ASP B 421 2.99 -30.76 14.26
C ASP B 421 2.98 -29.28 13.84
N PHE B 435 9.56 -30.95 8.37
CA PHE B 435 10.03 -31.49 7.09
C PHE B 435 10.52 -32.93 7.25
N VAL B 436 9.75 -33.88 6.73
CA VAL B 436 10.06 -35.30 6.82
C VAL B 436 9.96 -35.92 5.44
N GLU B 437 10.86 -36.85 5.14
CA GLU B 437 10.84 -37.68 3.94
C GLU B 437 11.06 -36.89 2.65
N GLY B 438 11.04 -35.57 2.72
CA GLY B 438 11.15 -34.72 1.55
C GLY B 438 9.86 -34.07 1.12
N VAL B 439 8.77 -34.30 1.84
CA VAL B 439 7.46 -33.71 1.53
C VAL B 439 6.97 -33.01 2.79
N ARG B 440 6.68 -31.71 2.67
CA ARG B 440 6.31 -30.92 3.84
C ARG B 440 5.05 -31.46 4.49
N MET B 441 5.04 -31.48 5.82
CA MET B 441 3.89 -31.87 6.63
C MET B 441 2.80 -30.81 6.66
N GLU B 442 2.99 -29.72 5.92
CA GLU B 442 1.99 -28.66 5.82
C GLU B 442 1.22 -28.70 4.50
N GLU B 443 1.88 -29.09 3.40
CA GLU B 443 1.16 -29.27 2.15
C GLU B 443 0.09 -30.34 2.29
N ILE B 444 0.29 -31.28 3.22
CA ILE B 444 -0.75 -32.26 3.54
C ILE B 444 -1.96 -31.56 4.15
N VAL B 445 -1.75 -30.42 4.80
CA VAL B 445 -2.84 -29.76 5.50
C VAL B 445 -3.79 -29.09 4.50
N GLU B 446 -3.25 -28.52 3.43
CA GLU B 446 -4.12 -27.96 2.39
C GLU B 446 -4.92 -29.06 1.70
N GLY B 447 -4.22 -30.05 1.16
CA GLY B 447 -4.84 -31.12 0.41
C GLY B 447 -5.95 -31.82 1.17
N CYS B 448 -5.64 -32.34 2.35
CA CYS B 448 -6.65 -33.03 3.16
C CYS B 448 -7.84 -32.12 3.43
N THR B 449 -7.59 -30.90 3.91
CA THR B 449 -8.67 -29.96 4.14
C THR B 449 -9.37 -29.60 2.84
N GLY B 450 -8.59 -29.33 1.79
CA GLY B 450 -9.18 -29.02 0.49
C GLY B 450 -9.95 -30.19 -0.09
N ALA B 451 -9.44 -31.41 0.11
CA ALA B 451 -10.16 -32.59 -0.36
C ALA B 451 -11.54 -32.68 0.28
N LEU B 452 -11.63 -32.32 1.56
CA LEU B 452 -12.92 -32.39 2.25
C LEU B 452 -13.90 -31.34 1.72
N HIS B 453 -13.40 -30.16 1.36
CA HIS B 453 -14.27 -29.13 0.81
C HIS B 453 -14.89 -29.57 -0.50
N ILE B 454 -14.07 -29.92 -1.49
CA ILE B 454 -14.57 -30.43 -2.77
C ILE B 454 -15.32 -31.73 -2.58
N LEU B 455 -15.19 -32.36 -1.41
CA LEU B 455 -15.97 -33.55 -1.08
C LEU B 455 -17.22 -33.21 -0.30
N ALA B 456 -17.21 -32.11 0.46
CA ALA B 456 -18.41 -31.68 1.19
C ALA B 456 -19.44 -31.05 0.28
N ARG B 457 -19.13 -30.91 -1.02
CA ARG B 457 -20.12 -30.42 -1.99
C ARG B 457 -21.34 -31.33 -2.01
N ASP B 458 -21.17 -32.61 -1.73
CA ASP B 458 -22.27 -33.56 -1.67
C ASP B 458 -23.08 -33.34 -0.40
N VAL B 459 -24.22 -34.03 -0.31
CA VAL B 459 -25.14 -33.91 0.81
C VAL B 459 -25.01 -35.08 1.78
N HIS B 460 -24.98 -36.31 1.25
CA HIS B 460 -24.96 -37.49 2.12
C HIS B 460 -23.75 -37.51 3.02
N ASN B 461 -22.61 -37.05 2.52
CA ASN B 461 -21.36 -37.17 3.27
C ASN B 461 -21.30 -36.24 4.48
N ARG B 462 -22.12 -35.19 4.50
CA ARG B 462 -22.09 -34.24 5.61
C ARG B 462 -22.31 -34.96 6.94
N ILE B 463 -23.34 -35.81 7.01
CA ILE B 463 -23.60 -36.55 8.23
C ILE B 463 -22.44 -37.47 8.58
N VAL B 464 -21.77 -38.03 7.57
CA VAL B 464 -20.58 -38.82 7.81
C VAL B 464 -19.39 -37.91 8.10
N ILE B 465 -19.38 -36.69 7.54
CA ILE B 465 -18.33 -35.74 7.88
C ILE B 465 -18.46 -35.27 9.31
N ARG B 466 -19.62 -34.71 9.66
CA ARG B 466 -19.87 -34.19 11.01
C ARG B 466 -20.30 -35.27 11.99
N GLY B 467 -20.31 -36.53 11.58
CA GLY B 467 -20.55 -37.63 12.48
C GLY B 467 -19.25 -38.24 12.98
N LEU B 468 -18.20 -37.41 13.04
CA LEU B 468 -16.89 -37.85 13.50
C LEU B 468 -16.26 -36.83 14.45
N ASN B 469 -17.05 -35.93 15.03
CA ASN B 469 -16.55 -34.82 15.84
C ASN B 469 -15.55 -33.98 15.06
N THR B 470 -15.74 -33.87 13.75
CA THR B 470 -14.77 -33.22 12.88
C THR B 470 -14.94 -31.71 12.81
N ILE B 471 -16.15 -31.21 13.10
CA ILE B 471 -16.42 -29.78 12.95
C ILE B 471 -15.45 -28.91 13.73
N PRO B 472 -15.13 -29.20 15.01
CA PRO B 472 -14.13 -28.36 15.69
C PRO B 472 -12.75 -28.44 15.06
N LEU B 473 -12.31 -29.64 14.68
CA LEU B 473 -10.99 -29.79 14.07
C LEU B 473 -10.86 -28.98 12.79
N PHE B 474 -11.99 -28.71 12.11
CA PHE B 474 -11.96 -27.76 11.00
C PHE B 474 -11.64 -26.36 11.49
N VAL B 475 -12.22 -25.96 12.62
CA VAL B 475 -12.08 -24.58 13.08
C VAL B 475 -10.67 -24.30 13.55
N GLN B 476 -10.05 -25.24 14.27
CA GLN B 476 -8.71 -25.04 14.80
C GLN B 476 -7.69 -25.08 13.66
N LEU B 477 -8.02 -24.45 12.53
CA LEU B 477 -7.17 -24.36 11.36
C LEU B 477 -7.10 -22.91 10.88
N LEU B 478 -8.17 -22.15 11.08
CA LEU B 478 -8.15 -20.72 10.78
C LEU B 478 -7.01 -20.01 11.50
N TYR B 479 -6.63 -20.53 12.67
CA TYR B 479 -5.51 -19.99 13.44
C TYR B 479 -4.20 -20.45 12.79
N SER B 480 -3.94 -19.90 11.60
CA SER B 480 -2.76 -20.25 10.82
C SER B 480 -2.25 -19.01 10.09
N PRO B 481 -0.94 -18.83 9.97
CA PRO B 481 -0.39 -17.68 9.25
C PRO B 481 -0.15 -17.88 7.77
N ILE B 482 -0.55 -19.02 7.20
CA ILE B 482 -0.40 -19.29 5.78
C ILE B 482 -1.80 -19.27 5.17
N GLU B 483 -2.06 -18.24 4.35
CA GLU B 483 -3.42 -18.00 3.88
C GLU B 483 -3.86 -18.94 2.77
N ASN B 484 -2.93 -19.63 2.12
CA ASN B 484 -3.32 -20.70 1.19
C ASN B 484 -4.12 -21.77 1.91
N ILE B 485 -3.87 -21.96 3.21
CA ILE B 485 -4.65 -22.89 4.01
C ILE B 485 -6.02 -22.30 4.32
N GLN B 486 -6.08 -21.00 4.59
CA GLN B 486 -7.33 -20.35 4.98
C GLN B 486 -8.41 -20.51 3.92
N ARG B 487 -8.02 -20.60 2.65
CA ARG B 487 -8.94 -20.80 1.53
C ARG B 487 -9.86 -21.98 1.79
N VAL B 488 -9.31 -23.20 1.76
CA VAL B 488 -10.11 -24.38 1.99
C VAL B 488 -10.47 -24.58 3.47
N ALA B 489 -9.75 -23.91 4.38
CA ALA B 489 -10.17 -23.92 5.78
C ALA B 489 -11.46 -23.15 5.98
N ALA B 490 -11.81 -22.25 5.07
CA ALA B 490 -13.03 -21.47 5.18
C ALA B 490 -14.25 -22.29 4.77
N GLY B 491 -14.44 -22.49 3.46
CA GLY B 491 -15.65 -23.07 2.94
C GLY B 491 -15.87 -24.53 3.28
N VAL B 492 -14.89 -25.19 3.91
CA VAL B 492 -15.02 -26.61 4.22
C VAL B 492 -16.22 -26.86 5.12
N LEU B 493 -16.53 -25.92 6.02
CA LEU B 493 -17.73 -26.00 6.84
C LEU B 493 -18.88 -25.16 6.29
N CYS B 494 -18.60 -24.25 5.36
CA CYS B 494 -19.68 -23.55 4.67
C CYS B 494 -20.59 -24.54 3.96
N GLU B 495 -19.99 -25.52 3.27
CA GLU B 495 -20.77 -26.59 2.67
C GLU B 495 -21.66 -27.29 3.70
N LEU B 496 -21.14 -27.51 4.91
CA LEU B 496 -21.93 -28.14 5.95
C LEU B 496 -23.00 -27.21 6.50
N ALA B 497 -22.83 -25.90 6.35
CA ALA B 497 -23.69 -24.95 7.06
C ALA B 497 -24.94 -24.59 6.27
N GLN B 498 -25.47 -25.53 5.51
CA GLN B 498 -26.75 -25.34 4.83
C GLN B 498 -27.91 -26.00 5.57
N ASP B 499 -27.62 -26.81 6.58
CA ASP B 499 -28.64 -27.37 7.46
C ASP B 499 -28.40 -26.82 8.87
N LYS B 500 -29.51 -26.51 9.56
CA LYS B 500 -29.43 -26.03 10.93
C LYS B 500 -28.82 -27.06 11.87
N GLU B 501 -28.63 -28.30 11.41
CA GLU B 501 -28.14 -29.36 12.29
C GLU B 501 -26.70 -29.11 12.71
N ALA B 502 -25.86 -28.62 11.80
CA ALA B 502 -24.46 -28.35 12.11
C ALA B 502 -24.17 -26.88 12.37
N ALA B 503 -25.08 -25.99 12.01
CA ALA B 503 -24.88 -24.57 12.24
C ALA B 503 -24.82 -24.26 13.73
N GLU B 504 -25.82 -24.72 14.49
CA GLU B 504 -25.88 -24.47 15.93
C GLU B 504 -24.79 -25.21 16.70
N ALA B 505 -23.96 -25.99 16.02
CA ALA B 505 -22.72 -26.51 16.59
C ALA B 505 -21.54 -25.59 16.32
N ILE B 506 -21.81 -24.35 15.93
CA ILE B 506 -20.79 -23.31 15.72
C ILE B 506 -21.30 -22.04 16.36
N ALA B 511 -16.39 -20.78 17.98
CA ALA B 511 -15.83 -20.82 16.62
C ALA B 511 -16.33 -19.66 15.78
N THR B 512 -17.51 -19.14 16.09
CA THR B 512 -18.19 -18.21 15.18
C THR B 512 -17.47 -16.87 15.09
N ALA B 513 -17.07 -16.31 16.24
CA ALA B 513 -16.46 -14.98 16.22
C ALA B 513 -15.11 -14.96 15.50
N PRO B 514 -14.16 -15.87 15.79
CA PRO B 514 -12.88 -15.81 15.07
C PRO B 514 -13.00 -16.07 13.57
N LEU B 515 -14.05 -16.75 13.12
CA LEU B 515 -14.29 -16.90 11.70
C LEU B 515 -14.47 -15.54 11.03
N THR B 516 -15.20 -14.63 11.67
CA THR B 516 -15.42 -13.30 11.09
C THR B 516 -14.15 -12.48 11.08
N GLU B 517 -13.20 -12.78 11.99
CA GLU B 517 -11.95 -12.04 12.09
C GLU B 517 -11.03 -12.34 10.91
N LEU B 518 -11.62 -12.63 9.75
CA LEU B 518 -10.87 -12.97 8.55
C LEU B 518 -11.31 -12.22 7.30
N LEU B 519 -12.36 -11.41 7.38
CA LEU B 519 -12.79 -10.63 6.22
C LEU B 519 -11.83 -9.51 5.87
N HIS B 520 -10.89 -9.20 6.75
CA HIS B 520 -9.89 -8.17 6.46
C HIS B 520 -8.84 -8.70 5.50
N SER B 521 -8.27 -9.86 5.82
CA SER B 521 -7.26 -10.64 5.08
C SER B 521 -6.89 -10.17 3.68
N ARG B 522 -5.58 -10.14 3.40
CA ARG B 522 -5.07 -9.79 2.07
C ARG B 522 -5.60 -10.71 0.97
N ASN B 523 -6.04 -11.92 1.32
CA ASN B 523 -6.63 -12.84 0.36
C ASN B 523 -8.14 -12.87 0.52
N GLU B 524 -8.86 -12.88 -0.61
CA GLU B 524 -10.31 -12.86 -0.54
C GLU B 524 -10.89 -14.25 -0.27
N GLY B 525 -10.59 -15.21 -1.16
CA GLY B 525 -11.15 -16.56 -1.15
C GLY B 525 -11.73 -17.08 0.15
N VAL B 526 -11.09 -16.71 1.26
CA VAL B 526 -11.57 -17.03 2.61
C VAL B 526 -12.89 -16.31 2.85
N ALA B 527 -12.81 -14.98 3.07
CA ALA B 527 -13.90 -14.12 3.53
C ALA B 527 -15.26 -14.46 2.93
N THR B 528 -15.28 -14.91 1.67
CA THR B 528 -16.55 -15.30 1.04
C THR B 528 -17.29 -16.33 1.88
N TYR B 529 -16.56 -17.25 2.50
CA TYR B 529 -17.15 -18.27 3.35
C TYR B 529 -17.19 -17.87 4.82
N ALA B 530 -16.13 -17.21 5.30
CA ALA B 530 -16.06 -16.80 6.71
C ALA B 530 -17.10 -15.73 7.06
N ALA B 531 -17.95 -15.33 6.10
CA ALA B 531 -19.06 -14.44 6.36
C ALA B 531 -20.41 -15.04 5.96
N ALA B 532 -20.43 -16.07 5.11
CA ALA B 532 -21.70 -16.69 4.74
C ALA B 532 -22.35 -17.37 5.93
N VAL B 533 -21.54 -18.04 6.75
CA VAL B 533 -22.07 -18.74 7.92
C VAL B 533 -22.66 -17.78 8.93
N LEU B 534 -22.35 -16.49 8.84
CA LEU B 534 -22.89 -15.52 9.79
C LEU B 534 -24.39 -15.32 9.63
N PHE B 535 -24.97 -15.75 8.51
CA PHE B 535 -26.41 -15.80 8.34
C PHE B 535 -26.95 -17.21 8.26
N ARG B 536 -26.20 -18.15 7.70
CA ARG B 536 -26.62 -19.54 7.59
C ARG B 536 -26.73 -20.23 8.95
N MET B 537 -26.45 -19.52 10.03
CA MET B 537 -26.55 -20.08 11.38
C MET B 537 -27.47 -19.24 12.25
N SER B 538 -28.67 -18.93 11.73
CA SER B 538 -29.63 -18.13 12.48
C SER B 538 -31.02 -18.20 11.86
N GLU B 539 -31.09 -18.04 10.55
CA GLU B 539 -32.37 -17.91 9.85
C GLU B 539 -32.43 -18.77 8.59
C4 JKI C . -6.92 35.05 24.26
C5 JKI C . -5.86 34.40 23.63
C6 JKI C . -4.56 34.62 24.05
C7 JKI C . -6.12 33.52 22.58
C8 JKI C . -5.31 32.16 20.80
C10 JKI C . -7.66 32.26 21.23
C1 JKI C . -4.28 35.50 25.09
C2 JKI C . -5.34 36.15 25.72
C3 JKI C . -6.66 35.93 25.30
C9 JKI C . -6.61 31.77 20.48
O1 JKI C . -0.83 36.82 24.77
BR JKI C . 1.64 30.47 26.40
C11 JKI C . -7.41 33.14 22.28
C12 JKI C . 0.65 31.97 25.87
C13 JKI C . -0.13 32.67 26.79
C14 JKI C . -0.86 33.78 26.39
C15 JKI C . -0.82 34.19 25.05
C16 JKI C . -0.03 33.50 24.14
C17 JKI C . 0.71 32.38 24.54
N1 JKI C . -5.08 33.05 21.86
N2 JKI C . -3.04 35.73 25.52
O2 JKI C . -2.11 35.64 23.04
S1 JKI C . -1.72 35.60 24.53
#